data_4N96
#
_entry.id   4N96
#
_cell.length_a   40.880
_cell.length_b   64.670
_cell.length_c   72.020
_cell.angle_alpha   73.970
_cell.angle_beta   83.550
_cell.angle_gamma   84.360
#
_symmetry.space_group_name_H-M   'P 1'
#
loop_
_entity.id
_entity.type
_entity.pdbx_description
1 polymer 'DNA polymerase III subunit beta'
2 non-polymer 6-NITROINDAZOLE
3 non-polymer 'CALCIUM ION'
4 non-polymer 'CHLORIDE ION'
5 non-polymer DI(HYDROXYETHYL)ETHER
6 water water
#
_entity_poly.entity_id   1
_entity_poly.type   'polypeptide(L)'
_entity_poly.pdbx_seq_one_letter_code
;MKFTVEREHLLKPLQQVSGPLGGRPTLPILGNLLLQVADGTLSLTGTDLEMEMVARVALVQPHEPGATTVPARKFFDICR
GLPEGAEIAVQLEGERMLVRSGRSRFSLSTLPAADFPNLDDWQSEVEFTLPQATMKRLIEATQFSMAHQDVRYYLNGMLF
ETEGEELRTVATDGHRLAVCSMPIGQSLPSHSVIVPRKGVIELMRMLDGGDNPLRVQIGSNNIRAHVGDFIFTSKLVDGR
FPDYRRVLPKNPDKHLEAGCDLLKQAFARAAILSNEKFRGVRLYVSENQLKITANNPEQEEAEEILDVTYSGAEMEIGFN
VSYVLDVLNALKCENVRMMLTDSVSSVQIEDAASQSAAYVVMPMRL
;
_entity_poly.pdbx_strand_id   A,B
#
# COMPACT_ATOMS: atom_id res chain seq x y z
N MET A 1 -40.03 7.75 -3.76
CA MET A 1 -38.75 8.46 -4.02
C MET A 1 -38.15 7.96 -5.32
N LYS A 2 -37.90 8.87 -6.25
CA LYS A 2 -37.36 8.49 -7.55
C LYS A 2 -36.48 9.59 -8.09
N PHE A 3 -35.36 9.20 -8.70
CA PHE A 3 -34.49 10.15 -9.39
C PHE A 3 -33.67 9.44 -10.47
N THR A 4 -33.24 10.20 -11.48
CA THR A 4 -32.30 9.72 -12.46
C THR A 4 -31.17 10.71 -12.54
N VAL A 5 -29.94 10.26 -12.33
CA VAL A 5 -28.79 11.15 -12.29
C VAL A 5 -27.56 10.51 -12.94
N GLU A 6 -26.71 11.33 -13.54
CA GLU A 6 -25.46 10.82 -14.08
C GLU A 6 -24.57 10.23 -12.97
N ARG A 7 -24.00 9.06 -13.24
CA ARG A 7 -22.97 8.50 -12.36
C ARG A 7 -21.91 9.55 -12.04
N GLU A 8 -21.55 10.37 -13.02
CA GLU A 8 -20.50 11.37 -12.84
C GLU A 8 -20.77 12.31 -11.65
N HIS A 9 -22.03 12.71 -11.45
CA HIS A 9 -22.39 13.65 -10.37
C HIS A 9 -22.50 13.02 -8.99
N LEU A 10 -22.52 11.69 -8.93
CA LEU A 10 -22.65 10.99 -7.65
C LEU A 10 -21.32 10.59 -7.05
N LEU A 11 -20.26 10.54 -7.87
CA LEU A 11 -18.98 9.95 -7.45
C LEU A 11 -18.30 10.68 -6.28
N LYS A 12 -18.03 11.97 -6.41
CA LYS A 12 -17.41 12.71 -5.33
C LYS A 12 -18.31 12.75 -4.09
N PRO A 13 -19.60 13.09 -4.27
CA PRO A 13 -20.49 12.98 -3.11
C PRO A 13 -20.43 11.65 -2.35
N LEU A 14 -20.42 10.54 -3.07
CA LEU A 14 -20.43 9.22 -2.43
C LEU A 14 -19.13 8.97 -1.67
N GLN A 15 -18.02 9.29 -2.31
CA GLN A 15 -16.70 9.27 -1.70
C GLN A 15 -16.71 10.02 -0.35
N GLN A 16 -17.29 11.21 -0.33
CA GLN A 16 -17.27 12.04 0.87
C GLN A 16 -18.17 11.54 1.98
N VAL A 17 -19.33 10.98 1.63
CA VAL A 17 -20.26 10.50 2.66
C VAL A 17 -19.96 9.07 3.11
N SER A 18 -19.19 8.32 2.32
CA SER A 18 -18.78 6.96 2.69
C SER A 18 -17.44 7.02 3.42
N PRO A 28 -26.53 -0.93 12.93
CA PRO A 28 -26.35 -1.26 11.52
C PRO A 28 -26.64 -0.07 10.61
N ILE A 29 -27.57 0.79 11.04
CA ILE A 29 -27.99 1.93 10.24
C ILE A 29 -26.88 2.94 9.97
N LEU A 30 -25.80 2.89 10.74
CA LEU A 30 -24.61 3.73 10.54
C LEU A 30 -23.75 3.30 9.35
N GLY A 31 -23.97 2.08 8.88
CA GLY A 31 -23.39 1.62 7.62
C GLY A 31 -24.24 2.01 6.41
N ASN A 32 -25.34 2.72 6.65
CA ASN A 32 -26.25 3.17 5.61
C ASN A 32 -26.14 4.64 5.31
N LEU A 33 -26.36 4.99 4.05
CA LEU A 33 -26.49 6.38 3.62
C LEU A 33 -27.94 6.76 3.57
N LEU A 34 -28.22 7.94 4.10
CA LEU A 34 -29.53 8.57 3.96
C LEU A 34 -29.59 9.30 2.64
N LEU A 35 -30.55 8.90 1.81
CA LEU A 35 -30.85 9.58 0.55
C LEU A 35 -32.17 10.34 0.66
N GLN A 36 -32.15 11.63 0.34
CA GLN A 36 -33.32 12.48 0.40
C GLN A 36 -33.50 13.30 -0.88
N VAL A 37 -34.67 13.17 -1.50
CA VAL A 37 -35.08 14.02 -2.61
C VAL A 37 -36.10 15.04 -2.13
N ALA A 38 -35.79 16.32 -2.34
CA ALA A 38 -36.68 17.43 -1.96
C ALA A 38 -36.20 18.68 -2.68
N ASP A 39 -37.13 19.53 -3.11
CA ASP A 39 -36.83 20.82 -3.79
C ASP A 39 -35.73 20.72 -4.85
N GLY A 40 -35.86 19.74 -5.73
CA GLY A 40 -34.94 19.61 -6.86
C GLY A 40 -33.54 19.13 -6.49
N THR A 41 -33.38 18.58 -5.29
CA THR A 41 -32.06 18.25 -4.78
C THR A 41 -32.06 16.83 -4.22
N LEU A 42 -30.97 16.12 -4.49
CA LEU A 42 -30.68 14.87 -3.81
C LEU A 42 -29.60 15.18 -2.79
N SER A 43 -29.88 14.81 -1.55
CA SER A 43 -28.94 14.97 -0.45
C SER A 43 -28.55 13.57 0.01
N LEU A 44 -27.27 13.39 0.27
CA LEU A 44 -26.70 12.12 0.75
C LEU A 44 -25.99 12.44 2.05
N THR A 45 -26.29 11.67 3.09
CA THR A 45 -25.74 11.86 4.42
C THR A 45 -25.16 10.56 4.99
N GLY A 46 -23.91 10.63 5.44
CA GLY A 46 -23.29 9.56 6.20
C GLY A 46 -23.00 10.05 7.60
N THR A 47 -23.00 9.14 8.58
CA THR A 47 -22.77 9.51 9.98
C THR A 47 -22.21 8.31 10.74
N ASP A 48 -21.40 8.58 11.76
CA ASP A 48 -20.99 7.57 12.74
C ASP A 48 -21.46 7.95 14.14
N LEU A 49 -22.42 8.89 14.22
CA LEU A 49 -22.92 9.51 15.46
C LEU A 49 -22.04 10.61 16.08
N GLU A 50 -20.74 10.62 15.76
CA GLU A 50 -19.82 11.66 16.25
C GLU A 50 -19.71 12.78 15.25
N MET A 51 -19.82 12.44 13.97
CA MET A 51 -19.72 13.40 12.86
C MET A 51 -20.62 12.97 11.73
N GLU A 52 -20.84 13.88 10.79
CA GLU A 52 -21.71 13.63 9.68
C GLU A 52 -21.21 14.41 8.46
N MET A 53 -21.39 13.83 7.29
CA MET A 53 -21.14 14.54 6.03
C MET A 53 -22.41 14.58 5.18
N VAL A 54 -22.73 15.76 4.65
CA VAL A 54 -23.92 15.94 3.82
C VAL A 54 -23.48 16.46 2.48
N ALA A 55 -23.85 15.76 1.41
CA ALA A 55 -23.55 16.23 0.04
C ALA A 55 -24.85 16.41 -0.72
N ARG A 56 -24.90 17.43 -1.56
CA ARG A 56 -26.07 17.71 -2.36
C ARG A 56 -25.74 17.62 -3.84
N VAL A 57 -26.70 17.07 -4.59
CA VAL A 57 -26.65 16.95 -6.03
C VAL A 57 -27.94 17.52 -6.60
N ALA A 58 -27.82 18.43 -7.58
CA ALA A 58 -29.01 18.91 -8.30
C ALA A 58 -29.63 17.82 -9.17
N LEU A 59 -30.95 17.80 -9.20
CA LEU A 59 -31.69 16.86 -10.05
C LEU A 59 -32.42 17.60 -11.17
N VAL A 60 -32.00 17.40 -12.41
CA VAL A 60 -32.65 18.08 -13.53
C VAL A 60 -33.70 17.17 -14.20
N GLN A 61 -33.52 15.86 -14.09
CA GLN A 61 -34.44 14.91 -14.73
C GLN A 61 -35.62 14.73 -13.79
N PRO A 62 -36.77 14.25 -14.30
CA PRO A 62 -37.93 14.01 -13.45
C PRO A 62 -37.56 13.30 -12.16
N HIS A 63 -38.15 13.73 -11.06
CA HIS A 63 -37.87 13.16 -9.78
C HIS A 63 -39.11 13.24 -8.91
N GLU A 64 -39.13 12.40 -7.88
CA GLU A 64 -40.22 12.36 -6.94
C GLU A 64 -39.64 12.39 -5.52
N PRO A 65 -40.21 13.22 -4.65
CA PRO A 65 -39.64 13.42 -3.32
C PRO A 65 -39.77 12.21 -2.44
N GLY A 66 -38.95 12.14 -1.41
CA GLY A 66 -38.96 11.01 -0.52
C GLY A 66 -37.58 10.68 -0.01
N ALA A 67 -37.53 9.71 0.88
CA ALA A 67 -36.27 9.38 1.50
C ALA A 67 -36.24 7.94 1.96
N THR A 68 -35.03 7.38 1.92
CA THR A 68 -34.76 6.07 2.49
C THR A 68 -33.29 6.01 2.89
N THR A 69 -32.85 4.89 3.44
CA THR A 69 -31.43 4.66 3.66
C THR A 69 -31.06 3.32 3.07
N VAL A 70 -29.83 3.22 2.58
CA VAL A 70 -29.33 2.02 1.92
C VAL A 70 -27.88 1.76 2.35
N PRO A 71 -27.44 0.49 2.30
CA PRO A 71 -26.02 0.17 2.52
C PRO A 71 -25.06 1.08 1.74
N ALA A 72 -24.22 1.81 2.47
CA ALA A 72 -23.34 2.80 1.87
C ALA A 72 -22.29 2.22 0.92
N ARG A 73 -21.56 1.23 1.39
CA ARG A 73 -20.45 0.67 0.61
C ARG A 73 -21.00 -0.07 -0.64
N LYS A 74 -22.03 -0.88 -0.45
CA LYS A 74 -22.67 -1.55 -1.59
C LYS A 74 -23.16 -0.53 -2.62
N PHE A 75 -23.92 0.46 -2.19
CA PHE A 75 -24.39 1.50 -3.10
C PHE A 75 -23.25 2.25 -3.83
N PHE A 76 -22.25 2.68 -3.08
CA PHE A 76 -21.05 3.34 -3.67
C PHE A 76 -20.33 2.44 -4.67
N ASP A 77 -20.12 1.18 -4.28
CA ASP A 77 -19.45 0.19 -5.12
C ASP A 77 -20.24 -0.07 -6.41
N ILE A 78 -21.55 -0.20 -6.31
CA ILE A 78 -22.40 -0.31 -7.50
C ILE A 78 -22.21 0.87 -8.46
N CYS A 79 -22.38 2.09 -7.95
CA CYS A 79 -22.25 3.30 -8.78
C CYS A 79 -20.85 3.43 -9.41
N ARG A 80 -19.81 3.19 -8.61
CA ARG A 80 -18.43 3.28 -9.09
C ARG A 80 -18.16 2.15 -10.06
N GLY A 81 -18.85 1.01 -9.88
CA GLY A 81 -18.69 -0.16 -10.73
C GLY A 81 -19.28 -0.01 -12.13
N LEU A 82 -20.27 0.86 -12.25
CA LEU A 82 -20.88 1.12 -13.54
C LEU A 82 -19.93 1.90 -14.47
N PRO A 83 -20.12 1.76 -15.78
CA PRO A 83 -19.20 2.39 -16.73
C PRO A 83 -19.24 3.89 -16.72
N GLU A 84 -18.15 4.50 -17.17
CA GLU A 84 -18.10 5.93 -17.31
C GLU A 84 -19.19 6.37 -18.30
N GLY A 85 -19.82 7.49 -18.01
CA GLY A 85 -20.94 7.95 -18.81
C GLY A 85 -22.29 7.40 -18.41
N ALA A 86 -22.31 6.45 -17.46
CA ALA A 86 -23.54 5.80 -17.05
C ALA A 86 -24.55 6.75 -16.44
N GLU A 87 -25.83 6.42 -16.64
CA GLU A 87 -26.96 7.12 -16.05
C GLU A 87 -27.55 6.21 -15.02
N ILE A 88 -27.88 6.76 -13.86
CA ILE A 88 -28.35 5.90 -12.77
C ILE A 88 -29.77 6.27 -12.36
N ALA A 89 -30.67 5.28 -12.45
CA ALA A 89 -32.08 5.46 -12.12
C ALA A 89 -32.45 4.70 -10.83
N VAL A 90 -33.04 5.42 -9.88
CA VAL A 90 -33.36 4.88 -8.56
C VAL A 90 -34.85 5.04 -8.30
N GLN A 91 -35.52 4.00 -7.80
CA GLN A 91 -36.87 4.14 -7.28
C GLN A 91 -37.02 3.31 -5.99
N LEU A 92 -37.72 3.87 -5.02
CA LEU A 92 -37.94 3.20 -3.76
C LEU A 92 -39.20 2.33 -3.92
N GLU A 93 -39.06 1.04 -3.62
CA GLU A 93 -40.14 0.08 -3.77
C GLU A 93 -40.24 -0.74 -2.49
N GLY A 94 -40.97 -0.18 -1.52
CA GLY A 94 -41.26 -0.86 -0.26
C GLY A 94 -40.04 -0.90 0.63
N GLU A 95 -39.62 -2.10 1.02
CA GLU A 95 -38.40 -2.30 1.81
C GLU A 95 -37.16 -2.44 0.91
N ARG A 96 -37.31 -2.32 -0.41
CA ARG A 96 -36.15 -2.44 -1.29
C ARG A 96 -35.93 -1.12 -2.02
N MET A 97 -34.68 -0.83 -2.37
CA MET A 97 -34.39 0.26 -3.30
C MET A 97 -33.86 -0.33 -4.59
N LEU A 98 -34.55 -0.02 -5.69
CA LEU A 98 -34.16 -0.45 -7.02
C LEU A 98 -33.20 0.54 -7.65
N VAL A 99 -32.11 0.02 -8.21
CA VAL A 99 -31.11 0.84 -8.90
C VAL A 99 -30.90 0.25 -10.29
N ARG A 100 -30.99 1.07 -11.32
CA ARG A 100 -30.97 0.62 -12.69
CA ARG A 100 -30.92 0.60 -12.71
C ARG A 100 -30.06 1.48 -13.57
N SER A 101 -29.23 0.85 -14.40
CA SER A 101 -28.40 1.56 -15.37
C SER A 101 -28.06 0.57 -16.50
N GLY A 102 -28.29 0.98 -17.74
CA GLY A 102 -28.23 0.01 -18.86
C GLY A 102 -29.02 -1.25 -18.56
N ARG A 103 -28.41 -2.42 -18.71
CA ARG A 103 -29.06 -3.67 -18.37
C ARG A 103 -28.48 -4.26 -17.09
N SER A 104 -28.01 -3.37 -16.23
CA SER A 104 -27.60 -3.72 -14.88
C SER A 104 -28.72 -3.34 -13.91
N ARG A 105 -29.14 -4.29 -13.07
CA ARG A 105 -30.19 -4.01 -12.10
C ARG A 105 -29.83 -4.50 -10.71
N PHE A 106 -30.21 -3.71 -9.71
CA PHE A 106 -29.90 -4.02 -8.31
C PHE A 106 -31.08 -3.69 -7.42
N SER A 107 -31.31 -4.53 -6.42
CA SER A 107 -32.27 -4.28 -5.37
C SER A 107 -31.52 -4.32 -4.03
N LEU A 108 -31.53 -3.21 -3.30
CA LEU A 108 -30.88 -3.10 -2.01
C LEU A 108 -31.89 -3.09 -0.86
N SER A 109 -31.52 -3.68 0.26
CA SER A 109 -32.37 -3.57 1.44
C SER A 109 -32.37 -2.12 1.90
N THR A 110 -33.41 -1.75 2.65
CA THR A 110 -33.54 -0.40 3.16
C THR A 110 -33.83 -0.40 4.64
N LEU A 111 -33.46 0.69 5.31
CA LEU A 111 -33.95 0.99 6.65
C LEU A 111 -34.62 2.34 6.56
N PRO A 112 -35.67 2.57 7.39
CA PRO A 112 -36.45 3.78 7.16
C PRO A 112 -35.65 5.05 7.39
N ALA A 113 -35.92 6.09 6.60
CA ALA A 113 -35.27 7.38 6.76
C ALA A 113 -35.48 7.92 8.19
N ALA A 114 -36.67 7.70 8.71
CA ALA A 114 -37.02 8.08 10.08
C ALA A 114 -36.13 7.45 11.15
N ASP A 115 -35.53 6.29 10.87
CA ASP A 115 -34.59 5.69 11.82
C ASP A 115 -33.19 6.28 11.75
N PHE A 116 -32.91 7.17 10.78
CA PHE A 116 -31.55 7.66 10.58
C PHE A 116 -31.17 8.66 11.67
N PRO A 117 -30.02 8.45 12.33
CA PRO A 117 -29.59 9.38 13.39
C PRO A 117 -29.32 10.79 12.86
N ASN A 118 -29.78 11.78 13.62
CA ASN A 118 -29.47 13.19 13.37
C ASN A 118 -28.60 13.73 14.49
N LEU A 119 -27.59 14.52 14.14
CA LEU A 119 -26.91 15.35 15.13
C LEU A 119 -27.80 16.54 15.48
N ASP A 121 -29.98 19.29 17.11
CA ASP A 121 -29.51 20.61 16.65
C ASP A 121 -28.66 21.33 17.69
N TRP A 122 -28.03 22.43 17.26
CA TRP A 122 -27.11 23.18 18.08
C TRP A 122 -27.03 24.60 17.50
N GLN A 123 -26.30 25.50 18.15
CA GLN A 123 -26.24 26.90 17.72
C GLN A 123 -24.80 27.32 17.46
N SER A 124 -24.60 28.09 16.41
CA SER A 124 -23.32 28.67 16.08
C SER A 124 -22.96 29.85 16.99
N GLU A 125 -21.72 29.85 17.50
CA GLU A 125 -21.18 30.95 18.33
C GLU A 125 -20.08 31.78 17.67
N VAL A 126 -19.28 31.15 16.81
CA VAL A 126 -18.17 31.79 16.12
C VAL A 126 -18.15 31.37 14.67
N GLU A 127 -18.03 32.33 13.76
CA GLU A 127 -18.02 32.07 12.33
C GLU A 127 -17.00 32.91 11.57
N PHE A 128 -16.41 32.30 10.56
CA PHE A 128 -15.48 32.99 9.68
C PHE A 128 -15.31 32.18 8.38
N THR A 129 -14.87 32.87 7.33
CA THR A 129 -14.57 32.25 6.04
C THR A 129 -13.05 32.31 5.81
N LEU A 130 -12.51 31.32 5.11
CA LEU A 130 -11.08 31.28 4.79
C LEU A 130 -10.84 30.38 3.61
N PRO A 131 -9.77 30.64 2.85
CA PRO A 131 -9.47 29.74 1.75
C PRO A 131 -9.29 28.32 2.25
N GLN A 132 -9.90 27.36 1.56
CA GLN A 132 -9.73 25.98 1.98
C GLN A 132 -8.22 25.64 2.04
N ALA A 133 -7.44 26.23 1.16
CA ALA A 133 -5.98 26.08 1.18
C ALA A 133 -5.32 26.47 2.52
N THR A 134 -5.83 27.51 3.17
CA THR A 134 -5.28 27.94 4.44
C THR A 134 -5.58 26.90 5.53
N MET A 135 -6.81 26.39 5.51
CA MET A 135 -7.20 25.30 6.41
C MET A 135 -6.33 24.04 6.20
N LYS A 136 -6.10 23.66 4.94
CA LYS A 136 -5.26 22.52 4.63
C LYS A 136 -3.87 22.72 5.20
N ARG A 137 -3.29 23.89 4.96
CA ARG A 137 -1.98 24.22 5.48
C ARG A 137 -1.90 24.08 7.00
N LEU A 138 -2.90 24.62 7.69
CA LEU A 138 -2.96 24.55 9.16
C LEU A 138 -2.96 23.11 9.69
N ILE A 139 -3.76 22.26 9.05
CA ILE A 139 -3.95 20.88 9.49
C ILE A 139 -2.71 20.06 9.15
N GLU A 140 -2.14 20.25 7.95
CA GLU A 140 -0.97 19.48 7.51
C GLU A 140 0.22 19.79 8.39
N ALA A 141 0.26 21.05 8.87
CA ALA A 141 1.38 21.51 9.65
C ALA A 141 1.42 20.82 11.02
N THR A 142 0.27 20.32 11.51
CA THR A 142 0.18 19.89 12.90
C THR A 142 -0.38 18.50 13.14
N GLN A 143 -1.12 17.94 12.18
CA GLN A 143 -1.91 16.70 12.41
C GLN A 143 -1.10 15.51 12.91
N PHE A 144 0.15 15.39 12.47
CA PHE A 144 0.97 14.23 12.88
C PHE A 144 1.31 14.21 14.38
N SER A 145 1.20 15.35 15.05
CA SER A 145 1.44 15.44 16.50
C SER A 145 0.22 15.12 17.37
N MET A 146 -0.93 14.83 16.77
CA MET A 146 -2.08 14.38 17.57
C MET A 146 -1.77 13.03 18.23
N ALA A 147 -2.25 12.84 19.45
CA ALA A 147 -2.29 11.51 20.08
C ALA A 147 -3.31 10.64 19.33
N HIS A 148 -3.19 9.33 19.47
CA HIS A 148 -4.05 8.39 18.74
C HIS A 148 -5.16 7.80 19.61
N GLN A 149 -4.78 7.12 20.69
CA GLN A 149 -5.73 6.51 21.63
C GLN A 149 -5.23 6.70 23.07
N ASP A 150 -4.91 7.95 23.41
CA ASP A 150 -4.47 8.30 24.75
C ASP A 150 -5.68 8.26 25.66
N VAL A 151 -5.44 7.94 26.93
CA VAL A 151 -6.51 7.94 27.94
C VAL A 151 -7.03 9.37 28.15
N ARG A 152 -6.17 10.37 28.00
CA ARG A 152 -6.60 11.76 27.88
C ARG A 152 -7.18 12.04 26.48
N TYR A 153 -8.44 11.64 26.33
CA TYR A 153 -9.28 11.87 25.14
C TYR A 153 -9.05 13.19 24.38
N TYR A 154 -8.90 14.30 25.12
CA TYR A 154 -8.72 15.64 24.57
C TYR A 154 -7.43 15.85 23.77
N LEU A 155 -6.45 14.96 23.96
CA LEU A 155 -5.26 14.95 23.11
C LEU A 155 -5.44 14.13 21.84
N ASN A 156 -6.48 13.28 21.80
CA ASN A 156 -6.80 12.57 20.56
C ASN A 156 -7.56 13.51 19.60
N GLY A 157 -6.91 14.60 19.18
CA GLY A 157 -7.54 15.55 18.29
C GLY A 157 -6.71 16.79 18.16
N MET A 158 -7.37 17.87 17.76
CA MET A 158 -6.67 19.07 17.38
C MET A 158 -7.36 20.30 17.89
N LEU A 159 -6.60 21.20 18.47
CA LEU A 159 -7.11 22.49 18.91
C LEU A 159 -7.21 23.44 17.74
N PHE A 160 -8.38 24.06 17.61
CA PHE A 160 -8.59 25.17 16.70
C PHE A 160 -8.84 26.43 17.53
N GLU A 161 -7.98 27.41 17.38
CA GLU A 161 -8.05 28.61 18.21
C GLU A 161 -8.09 29.83 17.32
N THR A 162 -9.00 30.75 17.63
CA THR A 162 -9.05 32.05 16.97
C THR A 162 -8.46 33.09 17.92
N GLU A 163 -7.58 33.93 17.40
CA GLU A 163 -6.98 35.04 18.16
C GLU A 163 -6.57 36.19 17.22
N GLY A 164 -7.00 37.41 17.54
CA GLY A 164 -6.75 38.55 16.64
C GLY A 164 -7.33 38.27 15.27
N GLU A 165 -6.48 38.26 14.24
CA GLU A 165 -6.92 37.97 12.88
C GLU A 165 -6.38 36.63 12.39
N GLU A 166 -6.01 35.76 13.32
CA GLU A 166 -5.42 34.46 12.98
C GLU A 166 -6.27 33.29 13.39
N LEU A 167 -6.20 32.23 12.60
CA LEU A 167 -6.66 30.92 13.03
C LEU A 167 -5.39 30.13 13.34
N ARG A 168 -5.43 29.35 14.41
CA ARG A 168 -4.28 28.58 14.85
C ARG A 168 -4.72 27.16 15.12
N THR A 169 -3.89 26.20 14.73
CA THR A 169 -4.03 24.82 15.17
C THR A 169 -2.91 24.43 16.12
N VAL A 170 -3.25 23.59 17.10
CA VAL A 170 -2.28 22.98 18.01
C VAL A 170 -2.57 21.48 18.14
N ALA A 171 -1.52 20.69 18.07
CA ALA A 171 -1.64 19.24 18.30
C ALA A 171 -0.48 18.78 19.15
N THR A 172 -0.77 17.89 20.10
CA THR A 172 0.29 17.28 20.91
C THR A 172 -0.11 15.93 21.48
N ASP A 173 0.89 15.06 21.68
CA ASP A 173 0.67 13.76 22.32
C ASP A 173 1.35 13.69 23.68
N GLY A 174 1.80 14.83 24.19
CA GLY A 174 2.53 14.92 25.46
C GLY A 174 4.04 14.83 25.34
N HIS A 175 4.53 14.36 24.20
CA HIS A 175 5.98 14.21 23.95
C HIS A 175 6.51 15.14 22.88
N ARG A 176 5.65 15.48 21.92
CA ARG A 176 5.98 16.48 20.95
C ARG A 176 4.74 17.30 20.63
N LEU A 177 4.96 18.55 20.23
CA LEU A 177 3.88 19.51 19.99
C LEU A 177 4.10 20.24 18.68
N ALA A 178 2.99 20.54 18.01
CA ALA A 178 3.00 21.30 16.78
C ALA A 178 1.99 22.44 16.88
N VAL A 179 2.39 23.61 16.41
CA VAL A 179 1.52 24.78 16.40
C VAL A 179 1.75 25.58 15.12
N CYS A 180 0.65 25.98 14.48
CA CYS A 180 0.67 26.74 13.23
C CYS A 180 -0.40 27.80 13.26
N SER A 181 -0.06 29.02 12.82
CA SER A 181 -1.03 30.14 12.75
C SER A 181 -1.03 30.77 11.35
N MET A 182 -2.20 31.12 10.85
CA MET A 182 -2.34 31.81 9.57
C MET A 182 -3.30 32.98 9.70
N PRO A 183 -3.05 34.06 8.95
CA PRO A 183 -3.93 35.22 8.99
C PRO A 183 -5.21 34.93 8.20
N ILE A 184 -6.37 35.32 8.69
CA ILE A 184 -7.60 35.17 7.90
C ILE A 184 -8.27 36.51 7.53
N GLY A 185 -7.63 37.63 7.86
CA GLY A 185 -8.00 38.94 7.31
C GLY A 185 -9.23 39.61 7.91
N GLN A 186 -9.70 39.09 9.03
CA GLN A 186 -10.80 39.72 9.75
C GLN A 186 -10.56 39.58 11.25
N SER A 187 -11.06 40.55 12.00
CA SER A 187 -10.95 40.59 13.44
C SER A 187 -11.81 39.47 14.06
N LEU A 188 -11.20 38.65 14.90
CA LEU A 188 -11.89 37.50 15.47
C LEU A 188 -11.96 37.53 16.97
N PRO A 189 -13.04 36.97 17.52
CA PRO A 189 -13.11 36.75 18.96
C PRO A 189 -12.13 35.67 19.40
N SER A 190 -11.65 35.77 20.63
CA SER A 190 -10.70 34.80 21.16
C SER A 190 -11.45 33.56 21.59
N HIS A 191 -11.12 32.43 20.98
CA HIS A 191 -11.91 31.22 21.17
C HIS A 191 -11.10 29.97 20.86
N SER A 192 -11.38 28.87 21.55
CA SER A 192 -10.68 27.60 21.37
CA SER A 192 -10.71 27.60 21.27
C SER A 192 -11.55 26.36 21.56
N VAL A 193 -11.42 25.39 20.64
CA VAL A 193 -12.15 24.14 20.72
C VAL A 193 -11.26 23.00 20.23
N ILE A 194 -11.55 21.80 20.72
CA ILE A 194 -10.87 20.59 20.30
C ILE A 194 -11.73 19.77 19.34
N VAL A 195 -11.19 19.50 18.15
CA VAL A 195 -11.84 18.64 17.18
C VAL A 195 -11.24 17.23 17.28
N PRO A 196 -12.08 16.18 17.38
CA PRO A 196 -11.56 14.80 17.49
C PRO A 196 -10.74 14.40 16.27
N ARG A 197 -9.75 13.54 16.44
CA ARG A 197 -8.85 13.18 15.34
C ARG A 197 -9.54 12.63 14.10
N LYS A 198 -10.57 11.81 14.30
CA LYS A 198 -11.37 11.30 13.18
C LYS A 198 -11.97 12.47 12.41
N GLY A 199 -12.46 13.47 13.12
CA GLY A 199 -13.02 14.68 12.51
C GLY A 199 -12.02 15.51 11.74
N VAL A 200 -10.80 15.61 12.27
CA VAL A 200 -9.73 16.32 11.59
C VAL A 200 -9.41 15.65 10.27
N ILE A 201 -9.34 14.32 10.31
CA ILE A 201 -9.06 13.53 9.13
C ILE A 201 -10.16 13.68 8.08
N GLU A 202 -11.43 13.57 8.49
CA GLU A 202 -12.54 13.72 7.56
C GLU A 202 -12.58 15.15 6.98
N LEU A 203 -12.28 16.16 7.80
CA LEU A 203 -12.30 17.54 7.35
C LEU A 203 -11.22 17.75 6.31
N MET A 204 -10.01 17.27 6.60
CA MET A 204 -8.90 17.33 5.66
C MET A 204 -9.25 16.68 4.32
N ARG A 205 -9.95 15.54 4.36
CA ARG A 205 -10.35 14.81 3.16
C ARG A 205 -11.42 15.52 2.32
N MET A 206 -12.14 16.47 2.93
CA MET A 206 -13.12 17.25 2.20
C MET A 206 -12.48 18.37 1.37
N LEU A 207 -11.21 18.67 1.63
CA LEU A 207 -10.54 19.83 1.04
C LEU A 207 -9.63 19.40 -0.12
N ASP A 208 -9.98 19.77 -1.36
CA ASP A 208 -9.24 19.28 -2.53
C ASP A 208 -8.19 20.22 -3.14
N GLY A 209 -7.85 21.31 -2.48
CA GLY A 209 -6.83 22.22 -3.06
C GLY A 209 -7.19 23.04 -4.29
N GLY A 210 -8.48 23.10 -4.65
CA GLY A 210 -8.98 24.17 -5.52
C GLY A 210 -9.11 25.47 -4.72
N ASP A 211 -9.26 26.59 -5.44
CA ASP A 211 -9.60 27.87 -4.81
C ASP A 211 -11.08 27.88 -4.52
N ASN A 212 -11.40 27.73 -3.25
CA ASN A 212 -12.77 27.49 -2.86
C ASN A 212 -12.90 27.97 -1.42
N PRO A 213 -13.79 28.94 -1.16
CA PRO A 213 -13.96 29.42 0.21
C PRO A 213 -14.52 28.32 1.12
N LEU A 214 -14.06 28.29 2.38
CA LEU A 214 -14.56 27.40 3.41
C LEU A 214 -15.20 28.27 4.50
N ARG A 215 -16.45 27.99 4.82
CA ARG A 215 -17.14 28.65 5.91
C ARG A 215 -17.12 27.74 7.14
N VAL A 216 -16.66 28.28 8.25
CA VAL A 216 -16.56 27.51 9.46
C VAL A 216 -17.49 28.12 10.48
N GLN A 217 -18.23 27.25 11.16
CA GLN A 217 -19.12 27.64 12.23
C GLN A 217 -18.80 26.78 13.45
N ILE A 218 -18.58 27.43 14.58
CA ILE A 218 -18.23 26.73 15.82
C ILE A 218 -19.30 26.96 16.88
N GLY A 219 -19.83 25.90 17.46
CA GLY A 219 -20.72 25.99 18.59
C GLY A 219 -19.99 25.63 19.88
N SER A 220 -20.75 25.51 20.96
CA SER A 220 -20.20 25.03 22.24
C SER A 220 -19.79 23.56 22.16
N ASN A 221 -20.49 22.77 21.37
CA ASN A 221 -20.26 21.31 21.30
C ASN A 221 -20.06 20.73 19.90
N ASN A 222 -20.01 21.61 18.89
CA ASN A 222 -19.88 21.18 17.50
C ASN A 222 -19.05 22.13 16.69
N ILE A 223 -18.48 21.61 15.60
CA ILE A 223 -17.92 22.41 14.54
C ILE A 223 -18.56 22.00 13.21
N ARG A 224 -18.76 23.00 12.33
CA ARG A 224 -19.25 22.75 10.99
C ARG A 224 -18.40 23.47 9.95
N ALA A 225 -18.15 22.78 8.85
CA ALA A 225 -17.41 23.34 7.70
C ALA A 225 -18.21 23.13 6.41
N HIS A 226 -18.41 24.21 5.66
CA HIS A 226 -19.12 24.19 4.39
C HIS A 226 -18.10 24.49 3.27
N VAL A 227 -17.91 23.62 2.30
CA VAL A 227 -17.21 24.02 1.06
C VAL A 227 -17.96 23.49 -0.16
N GLY A 228 -18.11 24.29 -1.22
CA GLY A 228 -18.88 23.82 -2.38
C GLY A 228 -20.27 23.33 -1.96
N ASP A 229 -20.59 22.09 -2.33
CA ASP A 229 -21.90 21.49 -2.04
C ASP A 229 -21.79 20.46 -0.89
N PHE A 230 -20.78 20.61 -0.03
CA PHE A 230 -20.56 19.66 1.08
C PHE A 230 -20.68 20.37 2.42
N ILE A 231 -21.24 19.68 3.42
CA ILE A 231 -21.35 20.22 4.79
C ILE A 231 -20.92 19.13 5.77
N PHE A 232 -19.83 19.40 6.46
CA PHE A 232 -19.28 18.49 7.44
C PHE A 232 -19.59 19.02 8.82
N THR A 233 -20.04 18.14 9.71
CA THR A 233 -20.34 18.54 11.08
C THR A 233 -19.77 17.50 12.03
N SER A 234 -19.03 17.94 13.04
CA SER A 234 -18.50 17.05 14.05
C SER A 234 -18.79 17.57 15.45
N LYS A 235 -18.93 16.64 16.38
CA LYS A 235 -18.87 16.99 17.80
C LYS A 235 -17.44 17.42 18.16
N LEU A 236 -17.36 18.17 19.24
CA LEU A 236 -16.07 18.59 19.80
C LEU A 236 -15.74 17.70 20.99
N VAL A 237 -14.48 17.69 21.41
CA VAL A 237 -14.04 16.91 22.56
C VAL A 237 -13.94 17.89 23.71
N ASP A 238 -14.51 17.56 24.87
CA ASP A 238 -14.53 18.55 25.94
C ASP A 238 -13.54 18.24 27.05
N GLY A 239 -12.54 19.10 27.18
CA GLY A 239 -11.52 18.97 28.20
C GLY A 239 -10.57 20.13 28.09
N ARG A 240 -9.55 20.14 28.95
CA ARG A 240 -8.59 21.25 29.00
C ARG A 240 -7.37 20.94 28.16
N PHE A 241 -7.24 21.64 27.03
CA PHE A 241 -6.11 21.44 26.14
C PHE A 241 -4.88 22.18 26.68
N PRO A 242 -3.70 21.55 26.60
CA PRO A 242 -2.51 22.31 27.03
C PRO A 242 -2.28 23.62 26.27
N ASP A 243 -1.69 24.60 26.96
CA ASP A 243 -1.37 25.91 26.42
C ASP A 243 0.02 25.89 25.74
N TYR A 244 0.03 25.93 24.42
CA TYR A 244 1.29 25.86 23.67
C TYR A 244 2.32 26.89 24.15
N ARG A 245 1.84 28.01 24.65
CA ARG A 245 2.72 29.08 25.12
C ARG A 245 3.56 28.65 26.32
N ARG A 246 3.09 27.68 27.10
CA ARG A 246 3.84 27.13 28.22
C ARG A 246 4.70 25.92 27.82
N VAL A 247 4.61 25.52 26.56
CA VAL A 247 5.39 24.42 26.07
C VAL A 247 6.60 24.99 25.32
N LEU A 248 6.44 26.14 24.67
CA LEU A 248 7.58 26.74 23.96
C LEU A 248 8.70 27.03 24.94
N PRO A 249 9.94 26.58 24.65
CA PRO A 249 11.09 26.92 25.53
C PRO A 249 11.21 28.43 25.77
N LYS A 250 11.33 28.81 27.03
CA LYS A 250 11.23 30.24 27.39
C LYS A 250 12.43 31.10 27.01
N ASN A 251 13.60 30.48 26.83
CA ASN A 251 14.84 31.21 26.59
C ASN A 251 15.95 30.31 26.03
N PRO A 252 15.72 29.73 24.84
CA PRO A 252 16.81 28.95 24.25
C PRO A 252 18.01 29.83 23.88
N ASP A 253 19.20 29.38 24.25
CA ASP A 253 20.42 30.17 24.06
C ASP A 253 21.46 29.47 23.19
N LYS A 254 21.08 28.30 22.66
CA LYS A 254 21.89 27.56 21.71
C LYS A 254 21.10 27.44 20.42
N HIS A 255 21.65 27.94 19.31
CA HIS A 255 20.97 27.96 18.05
C HIS A 255 21.76 27.24 16.97
N LEU A 256 21.12 26.22 16.42
CA LEU A 256 21.66 25.38 15.37
C LEU A 256 20.85 25.61 14.10
N GLU A 257 21.53 25.86 12.98
CA GLU A 257 20.89 25.89 11.66
C GLU A 257 21.57 24.87 10.73
N ALA A 258 20.76 24.13 10.00
CA ALA A 258 21.27 23.10 9.10
C ALA A 258 20.33 22.92 7.94
N GLY A 259 20.87 22.37 6.85
CA GLY A 259 20.04 21.95 5.74
C GLY A 259 19.02 20.89 6.17
N CYS A 260 17.77 21.12 5.79
CA CYS A 260 16.64 20.25 6.13
CA CYS A 260 16.71 20.20 6.20
C CYS A 260 16.91 18.82 5.62
N ASP A 261 17.31 18.74 4.34
CA ASP A 261 17.48 17.43 3.72
C ASP A 261 18.66 16.68 4.29
N LEU A 262 19.79 17.37 4.44
CA LEU A 262 20.95 16.73 5.06
C LEU A 262 20.62 16.26 6.46
N LEU A 263 19.83 17.04 7.22
CA LEU A 263 19.52 16.66 8.57
C LEU A 263 18.63 15.43 8.54
N LYS A 264 17.63 15.46 7.68
CA LYS A 264 16.72 14.35 7.58
C LYS A 264 17.41 13.03 7.24
N GLN A 265 18.26 13.06 6.21
CA GLN A 265 18.93 11.86 5.78
C GLN A 265 19.95 11.32 6.77
N ALA A 266 20.66 12.20 7.47
CA ALA A 266 21.58 11.78 8.53
C ALA A 266 20.79 11.06 9.63
N PHE A 267 19.67 11.63 10.02
CA PHE A 267 18.82 10.99 11.03
C PHE A 267 18.33 9.62 10.59
N ALA A 268 17.79 9.56 9.37
CA ALA A 268 17.24 8.31 8.84
C ALA A 268 18.34 7.23 8.78
N ARG A 269 19.54 7.57 8.30
CA ARG A 269 20.62 6.57 8.19
C ARG A 269 21.09 6.10 9.56
N ALA A 270 21.30 7.03 10.49
CA ALA A 270 21.76 6.67 11.81
C ALA A 270 20.72 5.75 12.46
N ALA A 271 19.45 6.02 12.20
CA ALA A 271 18.34 5.26 12.83
C ALA A 271 18.42 3.77 12.49
N ILE A 272 19.06 3.43 11.36
CA ILE A 272 19.13 2.01 10.95
C ILE A 272 19.76 1.14 12.04
N LEU A 273 20.73 1.69 12.75
CA LEU A 273 21.46 0.95 13.78
C LEU A 273 21.08 1.42 15.19
N SER A 274 19.89 1.98 15.34
CA SER A 274 19.35 2.25 16.67
C SER A 274 18.56 1.03 17.15
N ASN A 275 18.08 1.05 18.39
CA ASN A 275 17.21 -0.02 18.87
C ASN A 275 15.89 -0.04 18.08
N GLU A 276 15.49 -1.17 17.52
CA GLU A 276 14.29 -1.20 16.65
C GLU A 276 12.98 -0.93 17.39
N LYS A 277 12.96 -1.12 18.70
CA LYS A 277 11.74 -1.00 19.49
CA LYS A 277 11.74 -1.00 19.49
C LYS A 277 11.53 0.44 19.93
N PHE A 278 12.61 1.13 20.26
CA PHE A 278 12.56 2.53 20.67
C PHE A 278 13.72 3.21 19.94
N ARG A 279 13.47 3.74 18.75
CA ARG A 279 14.55 4.31 17.92
C ARG A 279 14.90 5.75 18.28
N GLY A 280 16.12 5.94 18.77
CA GLY A 280 16.65 7.28 19.05
C GLY A 280 18.09 7.43 18.62
N VAL A 281 18.56 8.68 18.54
CA VAL A 281 19.92 9.01 18.17
C VAL A 281 20.48 10.06 19.13
N ARG A 282 21.78 10.02 19.36
CA ARG A 282 22.47 10.99 20.20
C ARG A 282 22.99 12.09 19.29
N LEU A 283 22.74 13.35 19.64
CA LEU A 283 23.36 14.50 18.96
C LEU A 283 24.42 15.14 19.83
N TYR A 284 25.60 15.38 19.25
CA TYR A 284 26.63 16.20 19.91
CA TYR A 284 26.62 16.20 19.90
C TYR A 284 26.82 17.44 19.06
N VAL A 285 26.54 18.60 19.64
CA VAL A 285 26.72 19.87 18.97
C VAL A 285 27.97 20.53 19.54
N SER A 286 28.78 21.05 18.63
CA SER A 286 29.99 21.78 18.94
C SER A 286 30.21 22.76 17.81
N GLU A 287 31.25 23.56 17.93
CA GLU A 287 31.57 24.61 16.98
C GLU A 287 31.44 24.15 15.54
N ASN A 288 30.51 24.75 14.81
CA ASN A 288 30.36 24.48 13.38
C ASN A 288 29.99 23.02 13.03
N GLN A 289 29.57 22.21 14.00
CA GLN A 289 29.46 20.76 13.72
C GLN A 289 28.38 20.03 14.49
N LEU A 290 27.74 19.09 13.82
CA LEU A 290 26.79 18.20 14.45
C LEU A 290 27.21 16.77 14.18
N LYS A 291 27.24 15.98 15.24
CA LYS A 291 27.53 14.54 15.16
C LYS A 291 26.30 13.83 15.67
N ILE A 292 25.78 12.91 14.86
CA ILE A 292 24.61 12.10 15.23
C ILE A 292 25.09 10.64 15.40
N THR A 293 24.77 10.00 16.51
CA THR A 293 25.18 8.61 16.69
C THR A 293 24.01 7.72 17.14
N ALA A 294 24.13 6.45 16.77
CA ALA A 294 23.17 5.41 17.16
C ALA A 294 23.90 4.13 17.50
N ASN A 295 23.32 3.35 18.42
CA ASN A 295 23.75 1.99 18.65
C ASN A 295 22.58 1.08 19.10
N ASN A 296 22.79 -0.24 19.00
CA ASN A 296 21.73 -1.25 19.23
C ASN A 296 22.23 -2.42 20.10
N PRO A 297 21.34 -3.37 20.45
CA PRO A 297 21.75 -4.53 21.30
C PRO A 297 22.81 -5.44 20.68
N GLU A 298 22.97 -5.42 19.36
CA GLU A 298 24.03 -6.17 18.67
C GLU A 298 25.38 -5.44 18.76
N GLN A 299 25.41 -4.26 19.37
CA GLN A 299 26.61 -3.43 19.48
C GLN A 299 27.07 -2.87 18.12
N GLU A 300 26.13 -2.81 17.17
CA GLU A 300 26.39 -2.15 15.89
C GLU A 300 26.31 -0.64 16.18
N GLU A 301 26.96 0.19 15.35
CA GLU A 301 27.07 1.62 15.60
C GLU A 301 27.04 2.40 14.30
N ALA A 302 26.34 3.53 14.32
CA ALA A 302 26.30 4.48 13.22
C ALA A 302 26.81 5.83 13.71
N GLU A 303 27.51 6.56 12.84
CA GLU A 303 27.95 7.92 13.11
C GLU A 303 27.78 8.79 11.85
N GLU A 304 27.18 9.97 12.02
CA GLU A 304 27.02 10.97 10.97
C GLU A 304 27.62 12.28 11.43
N ILE A 305 28.47 12.90 10.60
CA ILE A 305 29.00 14.21 10.91
C ILE A 305 28.51 15.19 9.83
N LEU A 306 28.01 16.34 10.30
CA LEU A 306 27.47 17.39 9.44
C LEU A 306 28.11 18.70 9.79
N ASP A 307 28.34 19.52 8.76
CA ASP A 307 28.74 20.92 8.93
C ASP A 307 27.48 21.71 9.13
N VAL A 308 27.42 22.46 10.22
CA VAL A 308 26.22 23.23 10.59
C VAL A 308 26.58 24.64 11.06
N THR A 309 25.59 25.50 11.07
CA THR A 309 25.74 26.80 11.72
C THR A 309 25.38 26.57 13.18
N TYR A 310 26.33 26.83 14.07
CA TYR A 310 26.03 26.66 15.50
C TYR A 310 26.63 27.76 16.37
N SER A 311 25.85 28.20 17.36
CA SER A 311 26.34 29.08 18.40
C SER A 311 25.86 28.56 19.74
N GLY A 312 26.76 28.57 20.72
CA GLY A 312 26.43 28.20 22.07
C GLY A 312 27.43 27.19 22.57
N ALA A 313 27.21 26.73 23.81
CA ALA A 313 28.07 25.74 24.43
C ALA A 313 27.93 24.38 23.76
N GLU A 314 29.00 23.60 23.76
CA GLU A 314 28.91 22.18 23.40
C GLU A 314 27.91 21.50 24.30
N MET A 315 27.13 20.59 23.73
CA MET A 315 26.25 19.75 24.52
C MET A 315 25.87 18.49 23.78
N GLU A 316 25.40 17.52 24.56
CA GLU A 316 24.93 16.23 24.06
C GLU A 316 23.45 16.16 24.41
N ILE A 317 22.64 15.64 23.49
CA ILE A 317 21.21 15.48 23.71
C ILE A 317 20.68 14.39 22.78
N GLY A 318 19.80 13.54 23.28
CA GLY A 318 19.14 12.51 22.46
C GLY A 318 17.74 12.87 21.98
N PHE A 319 17.32 12.25 20.88
CA PHE A 319 16.00 12.44 20.34
C PHE A 319 15.44 11.18 19.73
N ASN A 320 14.14 11.02 19.87
CA ASN A 320 13.39 10.01 19.16
C ASN A 320 13.40 10.34 17.68
N VAL A 321 13.82 9.37 16.86
CA VAL A 321 13.99 9.60 15.44
C VAL A 321 12.70 10.01 14.76
N SER A 322 11.63 9.28 15.05
CA SER A 322 10.36 9.54 14.39
C SER A 322 9.85 10.95 14.68
N TYR A 323 10.09 11.45 15.89
CA TYR A 323 9.60 12.79 16.23
C TYR A 323 10.30 13.85 15.38
N VAL A 324 11.61 13.67 15.16
CA VAL A 324 12.34 14.68 14.40
C VAL A 324 12.05 14.56 12.92
N LEU A 325 11.96 13.33 12.41
CA LEU A 325 11.64 13.12 11.01
C LEU A 325 10.23 13.63 10.71
N ASP A 326 9.29 13.42 11.62
CA ASP A 326 7.94 13.92 11.42
C ASP A 326 7.92 15.44 11.22
N VAL A 327 8.71 16.16 12.02
CA VAL A 327 8.83 17.62 11.91
C VAL A 327 9.47 18.00 10.58
N LEU A 328 10.59 17.37 10.25
CA LEU A 328 11.33 17.75 9.04
C LEU A 328 10.46 17.49 7.82
N ASN A 329 9.67 16.42 7.87
CA ASN A 329 8.75 16.09 6.80
C ASN A 329 7.54 17.03 6.67
N ALA A 330 7.16 17.69 7.77
CA ALA A 330 6.10 18.70 7.73
C ALA A 330 6.63 20.04 7.25
N LEU A 331 7.89 20.34 7.57
CA LEU A 331 8.46 21.62 7.20
C LEU A 331 8.77 21.74 5.71
N LYS A 332 9.21 20.66 5.09
CA LYS A 332 9.64 20.68 3.69
C LYS A 332 10.46 21.95 3.44
N CYS A 333 11.47 22.16 4.29
CA CYS A 333 12.26 23.40 4.30
C CYS A 333 13.56 23.35 3.49
N GLU A 334 14.19 24.50 3.26
CA GLU A 334 15.59 24.48 2.82
C GLU A 334 16.48 24.32 4.04
N ASN A 335 16.29 25.19 5.04
CA ASN A 335 17.07 25.11 6.26
C ASN A 335 16.17 25.16 7.47
N VAL A 336 16.60 24.50 8.52
CA VAL A 336 15.84 24.40 9.75
C VAL A 336 16.64 25.00 10.88
N ARG A 337 15.94 25.64 11.81
CA ARG A 337 16.52 26.13 13.03
C ARG A 337 16.08 25.25 14.18
N MET A 338 17.06 24.84 14.97
CA MET A 338 16.82 24.15 16.22
CA MET A 338 16.82 24.14 16.23
C MET A 338 17.29 25.05 17.37
N MET A 339 16.37 25.38 18.28
CA MET A 339 16.68 26.25 19.43
C MET A 339 16.74 25.39 20.68
N LEU A 340 17.95 25.26 21.24
CA LEU A 340 18.17 24.43 22.41
C LEU A 340 18.52 25.24 23.63
N THR A 341 18.35 24.56 24.76
CA THR A 341 18.54 25.14 26.06
C THR A 341 19.63 24.34 26.79
N ASP A 342 19.33 23.08 27.07
CA ASP A 342 20.28 22.16 27.67
C ASP A 342 19.88 20.73 27.36
N SER A 343 20.66 19.79 27.88
CA SER A 343 20.52 18.38 27.53
C SER A 343 19.27 17.71 28.07
N VAL A 344 18.52 18.37 28.96
CA VAL A 344 17.36 17.78 29.60
CA VAL A 344 17.34 17.76 29.57
C VAL A 344 16.06 18.55 29.31
N SER A 345 16.11 19.53 28.42
CA SER A 345 14.94 20.34 28.05
C SER A 345 14.55 20.07 26.61
N SER A 346 13.30 20.35 26.28
CA SER A 346 12.80 20.18 24.92
C SER A 346 13.41 21.21 23.98
N VAL A 347 13.37 20.88 22.71
CA VAL A 347 13.89 21.73 21.65
CA VAL A 347 13.89 21.76 21.68
C VAL A 347 12.75 22.32 20.84
N GLN A 348 12.96 23.52 20.31
CA GLN A 348 12.04 24.17 19.38
C GLN A 348 12.66 24.07 18.00
N ILE A 349 11.87 23.63 17.04
CA ILE A 349 12.30 23.49 15.66
C ILE A 349 11.44 24.35 14.74
N GLU A 350 12.05 25.06 13.81
CA GLU A 350 11.32 25.92 12.87
C GLU A 350 12.04 25.98 11.53
N ASP A 351 11.28 26.20 10.46
CA ASP A 351 11.85 26.59 9.16
C ASP A 351 12.60 27.89 9.41
N ALA A 352 13.87 27.92 9.05
CA ALA A 352 14.69 29.14 9.16
C ALA A 352 14.03 30.37 8.49
N ALA A 353 13.19 30.16 7.49
CA ALA A 353 12.58 31.25 6.72
C ALA A 353 11.07 31.40 6.88
N SER A 354 10.50 30.82 7.94
CA SER A 354 9.07 31.01 8.21
C SER A 354 8.75 30.78 9.68
N GLN A 355 8.07 31.75 10.28
CA GLN A 355 7.62 31.67 11.66
C GLN A 355 6.11 31.41 11.78
N SER A 356 5.51 30.83 10.73
CA SER A 356 4.10 30.44 10.72
C SER A 356 3.88 29.21 11.61
N ALA A 357 4.91 28.38 11.73
CA ALA A 357 4.78 27.12 12.45
C ALA A 357 5.97 26.87 13.36
N ALA A 358 5.72 26.21 14.47
CA ALA A 358 6.78 25.82 15.40
C ALA A 358 6.49 24.47 15.99
N TYR A 359 7.58 23.79 16.34
CA TYR A 359 7.52 22.45 16.88
C TYR A 359 8.40 22.35 18.12
N VAL A 360 7.87 21.62 19.11
CA VAL A 360 8.59 21.39 20.34
C VAL A 360 8.63 19.89 20.60
N VAL A 361 9.83 19.38 20.90
CA VAL A 361 10.06 17.95 21.00
C VAL A 361 10.87 17.67 22.26
N MET A 362 10.37 16.78 23.11
CA MET A 362 11.12 16.35 24.30
C MET A 362 12.42 15.64 23.92
N PRO A 363 13.46 15.77 24.76
CA PRO A 363 14.61 14.94 24.53
C PRO A 363 14.36 13.49 24.96
N MET A 364 15.14 12.58 24.40
CA MET A 364 15.08 11.15 24.71
C MET A 364 16.39 10.76 25.37
N ARG A 365 16.33 10.06 26.50
CA ARG A 365 17.54 9.52 27.15
C ARG A 365 18.02 8.23 26.47
N LEU A 366 19.32 8.15 26.15
CA LEU A 366 19.91 6.97 25.51
CA LEU A 366 19.91 6.96 25.51
C LEU A 366 21.19 6.53 26.24
N MET B 1 39.05 -8.63 3.42
CA MET B 1 38.05 -8.23 2.40
C MET B 1 37.84 -6.73 2.41
N LYS B 2 37.99 -6.12 1.24
CA LYS B 2 37.76 -4.69 1.11
C LYS B 2 37.24 -4.36 -0.28
N PHE B 3 36.31 -3.42 -0.35
CA PHE B 3 35.84 -2.89 -1.62
C PHE B 3 35.29 -1.48 -1.46
N THR B 4 35.35 -0.71 -2.56
CA THR B 4 34.67 0.58 -2.63
C THR B 4 33.82 0.57 -3.90
N VAL B 5 32.52 0.80 -3.76
CA VAL B 5 31.59 0.76 -4.92
C VAL B 5 30.61 1.93 -4.87
N GLU B 6 30.32 2.52 -6.03
CA GLU B 6 29.34 3.59 -6.09
C GLU B 6 27.96 3.05 -5.71
N ARG B 7 27.24 3.86 -4.95
CA ARG B 7 25.95 3.49 -4.38
C ARG B 7 25.06 2.75 -5.36
N GLU B 8 24.86 3.31 -6.55
CA GLU B 8 23.83 2.79 -7.45
C GLU B 8 24.20 1.47 -8.12
N HIS B 9 25.48 1.12 -8.13
CA HIS B 9 25.89 -0.20 -8.62
C HIS B 9 25.64 -1.30 -7.61
N LEU B 10 25.40 -0.93 -6.36
CA LEU B 10 25.17 -1.89 -5.28
C LEU B 10 23.67 -2.05 -5.00
N LEU B 11 22.87 -1.01 -5.29
CA LEU B 11 21.49 -0.99 -4.84
C LEU B 11 20.61 -2.10 -5.40
N LYS B 12 20.53 -2.26 -6.72
CA LYS B 12 19.67 -3.32 -7.24
C LYS B 12 20.16 -4.75 -6.95
N PRO B 13 21.47 -4.98 -6.96
CA PRO B 13 21.97 -6.29 -6.51
C PRO B 13 21.55 -6.61 -5.07
N LEU B 14 21.69 -5.64 -4.17
CA LEU B 14 21.23 -5.83 -2.78
C LEU B 14 19.74 -6.08 -2.68
N GLN B 15 18.94 -5.35 -3.47
CA GLN B 15 17.50 -5.55 -3.47
C GLN B 15 17.18 -6.96 -3.95
N GLN B 16 17.81 -7.37 -5.05
CA GLN B 16 17.57 -8.67 -5.66
C GLN B 16 17.96 -9.83 -4.75
N VAL B 17 19.16 -9.82 -4.18
CA VAL B 17 19.59 -10.96 -3.35
C VAL B 17 18.87 -11.06 -2.01
N SER B 18 18.21 -9.98 -1.61
CA SER B 18 17.39 -10.00 -0.41
C SER B 18 16.03 -10.64 -0.64
N GLY B 19 15.69 -10.90 -1.89
CA GLY B 19 14.42 -11.51 -2.26
C GLY B 19 13.98 -12.68 -1.39
N PRO B 20 14.82 -13.73 -1.28
CA PRO B 20 14.45 -14.92 -0.48
C PRO B 20 14.32 -14.70 1.02
N LEU B 21 14.79 -13.54 1.51
CA LEU B 21 14.72 -13.22 2.93
C LEU B 21 13.34 -12.71 3.31
N PRO B 25 13.44 -13.61 10.01
CA PRO B 25 14.20 -14.80 9.68
C PRO B 25 14.24 -15.76 10.86
N THR B 26 14.25 -17.05 10.58
CA THR B 26 14.17 -18.05 11.64
CA THR B 26 14.21 -18.10 11.61
C THR B 26 15.43 -18.06 12.51
N LEU B 27 16.62 -17.99 11.88
CA LEU B 27 17.88 -17.91 12.61
C LEU B 27 18.71 -16.79 12.03
N PRO B 28 19.65 -16.22 12.82
CA PRO B 28 20.26 -14.98 12.35
C PRO B 28 20.96 -15.05 11.01
N ILE B 29 21.68 -16.13 10.73
CA ILE B 29 22.49 -16.16 9.52
C ILE B 29 21.63 -16.11 8.26
N LEU B 30 20.36 -16.50 8.40
CA LEU B 30 19.41 -16.52 7.29
C LEU B 30 18.92 -15.14 6.93
N GLY B 31 19.07 -14.19 7.86
CA GLY B 31 18.85 -12.78 7.56
C GLY B 31 20.08 -12.03 7.07
N ASN B 32 21.17 -12.75 6.83
CA ASN B 32 22.42 -12.16 6.34
C ASN B 32 22.61 -12.41 4.85
N LEU B 33 23.39 -11.54 4.22
CA LEU B 33 23.92 -11.80 2.89
C LEU B 33 25.37 -12.21 2.99
N LEU B 34 25.75 -13.15 2.13
CA LEU B 34 27.14 -13.53 1.90
C LEU B 34 27.81 -12.55 0.93
N LEU B 35 28.87 -11.89 1.37
CA LEU B 35 29.67 -11.00 0.52
C LEU B 35 31.00 -11.68 0.24
N GLN B 36 31.38 -11.82 -1.03
CA GLN B 36 32.66 -12.46 -1.39
C GLN B 36 33.36 -11.61 -2.43
N VAL B 37 34.59 -11.18 -2.15
CA VAL B 37 35.48 -10.53 -3.11
C VAL B 37 36.48 -11.58 -3.65
N ALA B 38 36.44 -11.81 -4.94
CA ALA B 38 37.34 -12.78 -5.55
C ALA B 38 37.46 -12.48 -7.02
N ASP B 39 38.68 -12.55 -7.54
CA ASP B 39 38.96 -12.30 -8.97
C ASP B 39 38.22 -11.09 -9.53
N GLY B 40 38.35 -9.94 -8.86
CA GLY B 40 37.80 -8.65 -9.31
C GLY B 40 36.28 -8.49 -9.29
N THR B 41 35.61 -9.30 -8.49
CA THR B 41 34.15 -9.33 -8.49
C THR B 41 33.66 -9.46 -7.10
N LEU B 42 32.68 -8.63 -6.75
CA LEU B 42 31.89 -8.79 -5.52
C LEU B 42 30.66 -9.65 -5.83
N SER B 43 30.50 -10.75 -5.11
CA SER B 43 29.32 -11.58 -5.19
C SER B 43 28.52 -11.43 -3.89
N LEU B 44 27.21 -11.33 -4.05
CA LEU B 44 26.28 -11.22 -2.94
C LEU B 44 25.29 -12.35 -3.07
N THR B 45 25.03 -13.03 -1.95
CA THR B 45 24.13 -14.19 -1.94
C THR B 45 23.18 -14.13 -0.75
N GLY B 46 21.89 -14.34 -1.00
CA GLY B 46 20.91 -14.57 0.05
C GLY B 46 20.19 -15.88 -0.13
N THR B 47 19.78 -16.50 0.97
CA THR B 47 19.17 -17.82 0.87
C THR B 47 18.14 -18.00 1.95
N ASP B 48 17.20 -18.91 1.72
CA ASP B 48 16.23 -19.33 2.76
C ASP B 48 16.29 -20.83 3.01
N LEU B 49 17.39 -21.44 2.57
CA LEU B 49 17.63 -22.90 2.60
C LEU B 49 16.94 -23.68 1.49
N GLU B 50 15.90 -23.10 0.87
CA GLU B 50 15.23 -23.75 -0.28
C GLU B 50 15.72 -23.18 -1.60
N MET B 51 16.09 -21.90 -1.58
CA MET B 51 16.59 -21.26 -2.80
C MET B 51 17.62 -20.19 -2.47
N GLU B 52 18.41 -19.83 -3.48
CA GLU B 52 19.42 -18.78 -3.37
C GLU B 52 19.29 -17.82 -4.52
N MET B 53 19.59 -16.56 -4.26
CA MET B 53 19.81 -15.55 -5.30
C MET B 53 21.23 -14.99 -5.15
N VAL B 54 21.98 -15.00 -6.24
CA VAL B 54 23.38 -14.54 -6.25
C VAL B 54 23.51 -13.39 -7.26
N ALA B 55 24.21 -12.31 -6.88
CA ALA B 55 24.54 -11.21 -7.83
C ALA B 55 26.04 -11.07 -7.97
N ARG B 56 26.52 -10.77 -9.16
CA ARG B 56 27.93 -10.44 -9.38
C ARG B 56 28.02 -8.96 -9.69
N VAL B 57 28.86 -8.23 -8.96
CA VAL B 57 29.13 -6.83 -9.29
C VAL B 57 30.63 -6.60 -9.50
N ALA B 58 30.95 -6.06 -10.66
CA ALA B 58 32.31 -5.87 -11.02
C ALA B 58 32.91 -4.75 -10.18
N LEU B 59 34.19 -4.89 -9.83
CA LEU B 59 34.90 -3.92 -9.00
C LEU B 59 35.96 -3.17 -9.83
N VAL B 60 35.69 -1.90 -10.10
CA VAL B 60 36.62 -1.01 -10.84
C VAL B 60 37.54 -0.20 -9.95
N GLN B 61 37.27 -0.17 -8.65
CA GLN B 61 38.09 0.55 -7.67
C GLN B 61 38.93 -0.47 -6.92
N PRO B 62 40.01 -0.01 -6.24
CA PRO B 62 40.85 -0.95 -5.46
C PRO B 62 40.01 -1.84 -4.53
N HIS B 63 40.42 -3.10 -4.42
CA HIS B 63 39.73 -4.06 -3.56
C HIS B 63 40.71 -5.12 -3.08
N GLU B 64 40.29 -5.86 -2.05
CA GLU B 64 41.05 -6.95 -1.50
C GLU B 64 40.11 -8.14 -1.30
N PRO B 65 40.57 -9.37 -1.57
CA PRO B 65 39.71 -10.53 -1.50
C PRO B 65 39.33 -10.91 -0.08
N GLY B 66 38.24 -11.67 0.03
CA GLY B 66 37.76 -12.21 1.30
C GLY B 66 36.26 -12.27 1.31
N ALA B 67 35.73 -12.84 2.40
CA ALA B 67 34.33 -13.13 2.51
C ALA B 67 33.83 -12.99 3.95
N THR B 68 32.56 -12.58 4.06
CA THR B 68 31.86 -12.51 5.33
C THR B 68 30.36 -12.53 5.06
N THR B 69 29.56 -12.49 6.12
CA THR B 69 28.12 -12.31 6.03
C THR B 69 27.72 -11.17 6.97
N VAL B 70 26.76 -10.35 6.53
CA VAL B 70 26.23 -9.22 7.31
C VAL B 70 24.72 -9.09 7.15
N PRO B 71 24.05 -8.42 8.08
CA PRO B 71 22.59 -8.31 7.96
C PRO B 71 22.12 -7.61 6.68
N ALA B 72 21.27 -8.29 5.94
CA ALA B 72 20.89 -7.84 4.62
C ALA B 72 20.15 -6.52 4.64
N ARG B 73 19.10 -6.48 5.45
CA ARG B 73 18.22 -5.30 5.52
C ARG B 73 18.97 -4.04 6.01
N LYS B 74 19.78 -4.19 7.04
CA LYS B 74 20.59 -3.05 7.55
C LYS B 74 21.54 -2.55 6.46
N PHE B 75 22.22 -3.50 5.80
CA PHE B 75 23.21 -3.15 4.78
C PHE B 75 22.54 -2.49 3.58
N PHE B 76 21.43 -3.08 3.11
CA PHE B 76 20.63 -2.44 2.05
C PHE B 76 20.12 -1.03 2.43
N ASP B 77 19.53 -0.89 3.61
CA ASP B 77 19.00 0.39 4.07
C ASP B 77 20.11 1.45 4.19
N ILE B 78 21.32 1.05 4.59
CA ILE B 78 22.44 2.00 4.67
C ILE B 78 22.79 2.53 3.28
N CYS B 79 22.95 1.60 2.35
CA CYS B 79 23.30 1.95 0.97
C CYS B 79 22.23 2.83 0.31
N ARG B 80 20.98 2.45 0.47
CA ARG B 80 19.85 3.20 -0.07
C ARG B 80 19.77 4.61 0.51
N GLY B 81 20.06 4.74 1.79
CA GLY B 81 19.95 6.02 2.50
C GLY B 81 21.07 7.00 2.23
N LEU B 82 22.17 6.54 1.65
CA LEU B 82 23.29 7.44 1.35
C LEU B 82 22.95 8.30 0.11
N PRO B 83 23.59 9.47 -0.01
CA PRO B 83 23.28 10.38 -1.12
C PRO B 83 23.63 9.77 -2.47
N GLU B 84 22.87 10.16 -3.49
CA GLU B 84 23.10 9.68 -4.83
C GLU B 84 24.57 9.84 -5.22
N GLY B 85 25.14 8.79 -5.80
CA GLY B 85 26.55 8.79 -6.21
C GLY B 85 27.57 8.60 -5.08
N ALA B 86 27.07 8.35 -3.86
CA ALA B 86 27.92 8.07 -2.70
C ALA B 86 28.87 6.92 -3.01
N GLU B 87 30.15 7.09 -2.70
CA GLU B 87 31.11 5.99 -2.77
C GLU B 87 31.02 5.23 -1.45
N ILE B 88 30.76 3.93 -1.53
CA ILE B 88 30.55 3.10 -0.36
C ILE B 88 31.78 2.21 -0.17
N ALA B 89 32.54 2.56 0.85
CA ALA B 89 33.77 1.85 1.19
C ALA B 89 33.50 0.82 2.29
N VAL B 90 33.91 -0.42 2.05
CA VAL B 90 33.66 -1.51 2.97
C VAL B 90 34.94 -2.23 3.33
N GLN B 91 35.10 -2.53 4.61
CA GLN B 91 36.25 -3.28 5.09
C GLN B 91 35.84 -4.24 6.17
N LEU B 92 36.17 -5.52 5.96
CA LEU B 92 35.96 -6.55 6.99
C LEU B 92 36.91 -6.43 8.16
N GLU B 93 36.39 -6.44 9.38
CA GLU B 93 37.24 -6.38 10.57
C GLU B 93 36.77 -7.39 11.63
N GLY B 94 37.06 -8.64 11.35
CA GLY B 94 36.66 -9.75 12.24
C GLY B 94 35.15 -9.87 12.44
N GLU B 95 34.71 -9.65 13.67
CA GLU B 95 33.29 -9.77 14.00
C GLU B 95 32.48 -8.53 13.61
N ARG B 96 33.11 -7.53 12.99
CA ARG B 96 32.42 -6.38 12.44
C ARG B 96 32.82 -6.14 10.99
N MET B 97 31.88 -5.57 10.24
CA MET B 97 32.19 -5.02 8.92
C MET B 97 31.94 -3.52 8.95
N LEU B 98 32.96 -2.75 8.58
CA LEU B 98 32.88 -1.29 8.57
C LEU B 98 32.50 -0.72 7.21
N VAL B 99 31.51 0.17 7.21
CA VAL B 99 31.00 0.82 6.00
C VAL B 99 31.19 2.33 6.17
N ARG B 100 31.80 2.97 5.18
CA ARG B 100 32.12 4.40 5.25
C ARG B 100 31.78 5.05 3.93
N SER B 101 31.16 6.22 3.99
CA SER B 101 30.90 7.03 2.81
C SER B 101 30.81 8.47 3.27
N GLY B 102 31.60 9.35 2.63
CA GLY B 102 31.69 10.75 3.07
C GLY B 102 32.05 10.79 4.54
N ARG B 103 31.23 11.45 5.36
CA ARG B 103 31.42 11.41 6.81
C ARG B 103 30.30 10.63 7.49
N SER B 104 29.84 9.58 6.83
CA SER B 104 28.89 8.61 7.42
C SER B 104 29.65 7.31 7.71
N ARG B 105 29.50 6.77 8.92
CA ARG B 105 30.20 5.52 9.29
C ARG B 105 29.25 4.54 9.94
N PHE B 106 29.38 3.27 9.57
CA PHE B 106 28.53 2.21 10.10
C PHE B 106 29.34 0.98 10.42
N SER B 107 28.96 0.29 11.51
CA SER B 107 29.60 -0.94 11.96
C SER B 107 28.53 -2.02 12.03
N LEU B 108 28.70 -3.11 11.28
CA LEU B 108 27.73 -4.20 11.21
C LEU B 108 28.33 -5.48 11.75
N SER B 109 27.53 -6.24 12.51
CA SER B 109 27.97 -7.50 13.11
CA SER B 109 28.00 -7.49 13.13
C SER B 109 28.02 -8.57 12.04
N THR B 110 29.07 -9.38 12.03
CA THR B 110 29.24 -10.43 11.00
C THR B 110 29.02 -11.82 11.55
N LEU B 111 28.73 -12.75 10.65
CA LEU B 111 28.79 -14.20 10.95
C LEU B 111 29.66 -14.79 9.86
N PRO B 112 30.46 -15.81 10.19
CA PRO B 112 31.44 -16.35 9.23
C PRO B 112 30.87 -16.84 7.91
N ALA B 113 31.59 -16.53 6.82
CA ALA B 113 31.22 -16.94 5.51
C ALA B 113 31.13 -18.46 5.50
N ALA B 114 32.01 -19.12 6.25
CA ALA B 114 32.04 -20.57 6.30
C ALA B 114 30.79 -21.21 6.89
N ASP B 115 30.02 -20.45 7.68
CA ASP B 115 28.77 -20.94 8.26
C ASP B 115 27.56 -20.65 7.37
N PHE B 116 27.73 -19.87 6.30
CA PHE B 116 26.64 -19.59 5.41
C PHE B 116 26.14 -20.87 4.70
N PRO B 117 24.83 -21.15 4.77
CA PRO B 117 24.37 -22.35 4.10
C PRO B 117 24.57 -22.23 2.60
N ASN B 118 24.86 -23.36 1.97
CA ASN B 118 25.37 -23.41 0.62
C ASN B 118 24.66 -24.56 -0.09
N LEU B 119 23.74 -24.24 -1.00
CA LEU B 119 23.04 -25.30 -1.76
C LEU B 119 24.04 -26.25 -2.40
N ASP B 120 23.78 -27.55 -2.28
CA ASP B 120 24.65 -28.58 -2.85
C ASP B 120 24.84 -28.46 -4.34
N ASP B 121 25.97 -28.95 -4.83
CA ASP B 121 26.18 -29.01 -6.27
C ASP B 121 25.22 -30.03 -6.87
N TRP B 122 24.81 -29.78 -8.10
CA TRP B 122 23.87 -30.65 -8.78
C TRP B 122 24.12 -30.52 -10.29
N GLN B 123 23.46 -31.37 -11.07
CA GLN B 123 23.76 -31.48 -12.48
C GLN B 123 22.54 -31.15 -13.32
N SER B 124 22.69 -30.22 -14.26
CA SER B 124 21.60 -29.93 -15.18
C SER B 124 21.44 -31.07 -16.19
N GLU B 125 20.19 -31.42 -16.45
CA GLU B 125 19.80 -32.44 -17.42
C GLU B 125 19.10 -31.83 -18.62
N VAL B 126 18.63 -30.59 -18.46
CA VAL B 126 18.10 -29.83 -19.60
C VAL B 126 18.42 -28.36 -19.44
N GLU B 127 18.76 -27.74 -20.56
CA GLU B 127 19.12 -26.33 -20.59
C GLU B 127 18.52 -25.70 -21.82
N PHE B 128 18.01 -24.50 -21.66
CA PHE B 128 17.52 -23.75 -22.78
C PHE B 128 17.56 -22.27 -22.47
N THR B 129 17.37 -21.48 -23.50
CA THR B 129 17.28 -20.04 -23.37
CA THR B 129 17.30 -20.04 -23.37
C THR B 129 15.94 -19.58 -23.87
N LEU B 130 15.42 -18.51 -23.29
CA LEU B 130 14.17 -17.96 -23.77
C LEU B 130 14.06 -16.49 -23.40
N PRO B 131 13.24 -15.73 -24.13
CA PRO B 131 13.09 -14.31 -23.81
C PRO B 131 12.45 -14.13 -22.42
N GLN B 132 12.88 -13.09 -21.70
CA GLN B 132 12.30 -12.78 -20.38
C GLN B 132 10.79 -12.64 -20.45
N ALA B 133 10.33 -11.98 -21.51
CA ALA B 133 8.90 -11.75 -21.71
C ALA B 133 8.12 -13.06 -21.74
N THR B 134 8.71 -14.12 -22.31
CA THR B 134 8.04 -15.42 -22.34
C THR B 134 7.86 -16.01 -20.93
N MET B 135 8.91 -15.99 -20.12
CA MET B 135 8.84 -16.48 -18.73
C MET B 135 7.86 -15.67 -17.89
N LYS B 136 7.86 -14.34 -18.05
CA LYS B 136 6.89 -13.47 -17.37
C LYS B 136 5.44 -13.85 -17.73
N ARG B 137 5.21 -14.14 -19.00
CA ARG B 137 3.91 -14.52 -19.52
C ARG B 137 3.48 -15.87 -18.93
N LEU B 138 4.36 -16.87 -18.98
CA LEU B 138 4.06 -18.18 -18.38
C LEU B 138 3.65 -18.11 -16.91
N ILE B 139 4.39 -17.32 -16.12
CA ILE B 139 4.17 -17.22 -14.70
C ILE B 139 2.92 -16.41 -14.40
N GLU B 140 2.77 -15.27 -15.07
CA GLU B 140 1.64 -14.41 -14.76
C GLU B 140 0.33 -15.07 -15.19
N ALA B 141 0.41 -15.94 -16.18
CA ALA B 141 -0.77 -16.61 -16.71
C ALA B 141 -1.36 -17.60 -15.69
N THR B 142 -0.54 -18.09 -14.78
CA THR B 142 -0.96 -19.20 -13.91
C THR B 142 -0.78 -19.04 -12.41
N GLN B 143 0.10 -18.11 -11.98
CA GLN B 143 0.48 -17.94 -10.57
CA GLN B 143 0.48 -17.97 -10.57
C GLN B 143 -0.70 -17.87 -9.62
N PHE B 144 -1.71 -17.08 -9.97
CA PHE B 144 -2.85 -16.87 -9.05
C PHE B 144 -3.57 -18.15 -8.68
N SER B 145 -3.45 -19.22 -9.47
CA SER B 145 -4.18 -20.48 -9.20
C SER B 145 -3.46 -21.44 -8.26
N MET B 146 -2.24 -21.10 -7.83
CA MET B 146 -1.49 -21.90 -6.88
C MET B 146 -2.20 -21.87 -5.55
N ALA B 147 -2.13 -22.97 -4.81
CA ALA B 147 -2.72 -23.04 -3.48
C ALA B 147 -1.90 -22.22 -2.50
N HIS B 148 -2.54 -21.85 -1.40
CA HIS B 148 -1.92 -21.09 -0.34
C HIS B 148 -1.97 -21.90 0.97
N GLN B 149 -0.80 -22.38 1.40
CA GLN B 149 -0.64 -23.10 2.67
C GLN B 149 -1.49 -24.38 2.75
N ASP B 150 -1.61 -25.08 1.63
CA ASP B 150 -2.40 -26.32 1.58
C ASP B 150 -1.58 -27.46 2.20
N VAL B 151 -2.27 -28.36 2.92
CA VAL B 151 -1.63 -29.56 3.46
C VAL B 151 -1.14 -30.44 2.32
N ARG B 152 -1.78 -30.34 1.16
CA ARG B 152 -1.23 -30.94 -0.07
C ARG B 152 -0.13 -30.04 -0.64
N TYR B 153 1.10 -30.23 -0.16
CA TYR B 153 2.21 -29.27 -0.38
C TYR B 153 2.52 -28.99 -1.84
N TYR B 154 2.51 -30.05 -2.65
CA TYR B 154 2.81 -29.93 -4.09
C TYR B 154 1.93 -28.87 -4.78
N LEU B 155 0.72 -28.61 -4.26
CA LEU B 155 -0.16 -27.56 -4.81
C LEU B 155 0.26 -26.14 -4.46
N ASN B 156 1.09 -25.98 -3.46
CA ASN B 156 1.59 -24.65 -3.11
C ASN B 156 2.63 -24.12 -4.11
N GLY B 157 3.07 -24.97 -5.03
CA GLY B 157 4.08 -24.61 -6.01
C GLY B 157 3.49 -24.46 -7.39
N MET B 158 4.37 -24.42 -8.37
CA MET B 158 4.00 -24.34 -9.77
C MET B 158 4.72 -25.38 -10.60
N LEU B 159 3.96 -26.12 -11.40
CA LEU B 159 4.55 -27.14 -12.25
C LEU B 159 5.15 -26.46 -13.47
N PHE B 160 6.42 -26.77 -13.74
CA PHE B 160 7.09 -26.40 -14.98
C PHE B 160 7.37 -27.67 -15.74
N GLU B 161 6.95 -27.69 -16.99
CA GLU B 161 7.02 -28.84 -17.85
C GLU B 161 7.65 -28.46 -19.20
N THR B 162 8.68 -29.21 -19.60
CA THR B 162 9.27 -29.08 -20.91
C THR B 162 8.79 -30.26 -21.74
N GLU B 163 8.31 -30.00 -22.94
CA GLU B 163 7.84 -31.07 -23.82
C GLU B 163 7.90 -30.63 -25.26
N GLY B 164 8.74 -31.31 -26.06
CA GLY B 164 8.98 -30.89 -27.43
C GLY B 164 9.49 -29.46 -27.44
N GLU B 165 8.88 -28.64 -28.28
CA GLU B 165 9.28 -27.25 -28.45
C GLU B 165 8.54 -26.30 -27.52
N GLU B 166 8.11 -26.79 -26.37
CA GLU B 166 7.26 -26.00 -25.50
C GLU B 166 7.66 -26.05 -24.04
N LEU B 167 7.56 -24.89 -23.40
CA LEU B 167 7.62 -24.77 -21.96
C LEU B 167 6.22 -24.45 -21.46
N ARG B 168 5.79 -25.16 -20.42
CA ARG B 168 4.43 -25.06 -19.89
C ARG B 168 4.45 -24.84 -18.37
N THR B 169 3.54 -24.02 -17.87
CA THR B 169 3.31 -23.93 -16.42
C THR B 169 1.89 -24.40 -16.06
N VAL B 170 1.75 -24.94 -14.87
CA VAL B 170 0.45 -25.40 -14.37
C VAL B 170 0.39 -25.08 -12.87
N ALA B 171 -0.78 -24.63 -12.44
CA ALA B 171 -1.01 -24.29 -11.06
C ALA B 171 -2.46 -24.59 -10.76
N THR B 172 -2.70 -25.15 -9.58
CA THR B 172 -4.05 -25.47 -9.16
C THR B 172 -4.12 -25.54 -7.65
N ASP B 173 -5.30 -25.30 -7.12
CA ASP B 173 -5.51 -25.42 -5.69
C ASP B 173 -6.58 -26.48 -5.42
N GLY B 174 -6.88 -27.32 -6.40
CA GLY B 174 -7.91 -28.35 -6.25
C GLY B 174 -9.27 -27.85 -6.70
N HIS B 175 -9.50 -26.55 -6.57
CA HIS B 175 -10.79 -25.95 -6.90
C HIS B 175 -10.79 -25.32 -8.28
N ARG B 176 -9.63 -24.82 -8.69
CA ARG B 176 -9.46 -24.26 -10.03
C ARG B 176 -8.03 -24.50 -10.51
N LEU B 177 -7.89 -24.53 -11.82
CA LEU B 177 -6.61 -24.86 -12.44
C LEU B 177 -6.30 -23.88 -13.56
N ALA B 178 -5.01 -23.54 -13.70
CA ALA B 178 -4.54 -22.72 -14.83
C ALA B 178 -3.36 -23.42 -15.49
N VAL B 179 -3.33 -23.43 -16.81
CA VAL B 179 -2.24 -24.00 -17.60
C VAL B 179 -1.86 -23.04 -18.72
N CYS B 180 -0.55 -22.87 -18.98
CA CYS B 180 -0.09 -22.01 -20.08
C CYS B 180 1.10 -22.65 -20.78
N SER B 181 1.07 -22.70 -22.11
CA SER B 181 2.17 -23.22 -22.93
C SER B 181 2.65 -22.18 -23.90
N MET B 182 3.97 -22.07 -24.06
CA MET B 182 4.60 -21.14 -24.98
C MET B 182 5.71 -21.83 -25.80
N PRO B 183 5.87 -21.43 -27.07
CA PRO B 183 6.95 -22.02 -27.87
C PRO B 183 8.31 -21.48 -27.44
N ILE B 184 9.36 -22.27 -27.60
CA ILE B 184 10.73 -21.83 -27.32
C ILE B 184 11.67 -22.01 -28.51
N GLY B 185 11.17 -22.54 -29.63
CA GLY B 185 11.97 -22.70 -30.85
C GLY B 185 13.18 -23.62 -30.72
N GLN B 186 13.10 -24.57 -29.79
CA GLN B 186 14.19 -25.48 -29.46
C GLN B 186 13.57 -26.76 -28.90
N SER B 187 14.05 -27.91 -29.37
CA SER B 187 13.49 -29.19 -28.95
C SER B 187 14.03 -29.58 -27.57
N LEU B 188 13.14 -30.04 -26.69
CA LEU B 188 13.50 -30.32 -25.30
C LEU B 188 13.08 -31.72 -24.85
N PRO B 189 13.87 -32.32 -23.95
CA PRO B 189 13.44 -33.57 -23.35
C PRO B 189 12.26 -33.35 -22.41
N SER B 190 11.52 -34.41 -22.17
CA SER B 190 10.42 -34.40 -21.21
C SER B 190 10.89 -34.30 -19.76
N HIS B 191 10.60 -33.16 -19.14
CA HIS B 191 10.80 -32.97 -17.70
C HIS B 191 9.57 -32.30 -17.12
N SER B 192 9.23 -32.67 -15.90
CA SER B 192 8.12 -32.10 -15.17
C SER B 192 8.53 -31.87 -13.73
N VAL B 193 8.64 -30.60 -13.35
CA VAL B 193 9.17 -30.24 -12.04
C VAL B 193 8.27 -29.24 -11.34
N ILE B 194 8.23 -29.33 -10.01
CA ILE B 194 7.50 -28.38 -9.20
C ILE B 194 8.41 -27.32 -8.57
N VAL B 195 8.17 -26.06 -8.94
CA VAL B 195 8.87 -24.94 -8.32
C VAL B 195 8.08 -24.45 -7.08
N PRO B 196 8.77 -24.28 -5.95
CA PRO B 196 8.09 -23.82 -4.73
C PRO B 196 7.60 -22.38 -4.87
N ARG B 197 6.52 -22.08 -4.18
CA ARG B 197 5.92 -20.74 -4.08
C ARG B 197 6.88 -19.55 -4.19
N LYS B 198 7.79 -19.44 -3.24
CA LYS B 198 8.72 -18.32 -3.18
C LYS B 198 9.68 -18.29 -4.35
N GLY B 199 9.96 -19.45 -4.94
CA GLY B 199 10.79 -19.54 -6.14
C GLY B 199 10.17 -18.93 -7.39
N VAL B 200 8.86 -19.17 -7.54
CA VAL B 200 8.10 -18.60 -8.64
C VAL B 200 8.13 -17.09 -8.50
N ILE B 201 7.92 -16.61 -7.27
CA ILE B 201 7.99 -15.16 -7.00
C ILE B 201 9.37 -14.60 -7.32
N GLU B 202 10.43 -15.33 -6.95
CA GLU B 202 11.80 -14.84 -7.24
C GLU B 202 12.13 -14.78 -8.72
N LEU B 203 11.69 -15.80 -9.45
CA LEU B 203 11.81 -15.83 -10.90
C LEU B 203 11.20 -14.60 -11.54
N MET B 204 9.98 -14.27 -11.16
CA MET B 204 9.33 -13.06 -11.68
C MET B 204 10.11 -11.80 -11.35
N ARG B 205 10.53 -11.71 -10.10
CA ARG B 205 11.21 -10.54 -9.56
C ARG B 205 12.51 -10.20 -10.31
N MET B 206 13.17 -11.21 -10.90
CA MET B 206 14.45 -10.98 -11.57
C MET B 206 14.34 -10.57 -13.04
N LEU B 207 13.14 -10.61 -13.59
CA LEU B 207 12.92 -10.24 -14.99
C LEU B 207 12.81 -8.72 -15.07
N ASP B 208 13.83 -8.08 -15.62
CA ASP B 208 13.90 -6.62 -15.63
C ASP B 208 12.93 -6.01 -16.65
N GLY B 209 12.77 -6.69 -17.78
CA GLY B 209 11.95 -6.18 -18.88
C GLY B 209 12.77 -5.51 -19.97
N GLY B 210 14.07 -5.85 -20.02
CA GLY B 210 14.97 -5.43 -21.10
C GLY B 210 15.19 -6.58 -22.07
N ASP B 211 16.26 -6.50 -22.87
CA ASP B 211 16.50 -7.51 -23.94
C ASP B 211 17.42 -8.68 -23.55
N ASN B 212 17.91 -8.68 -22.31
CA ASN B 212 18.76 -9.78 -21.83
C ASN B 212 17.97 -11.07 -21.77
N PRO B 213 18.40 -12.11 -22.51
CA PRO B 213 17.68 -13.37 -22.42
C PRO B 213 17.84 -14.04 -21.05
N LEU B 214 17.01 -15.05 -20.84
CA LEU B 214 17.00 -15.85 -19.63
C LEU B 214 17.53 -17.22 -20.01
N ARG B 215 18.51 -17.73 -19.28
CA ARG B 215 19.01 -19.07 -19.49
C ARG B 215 18.57 -19.92 -18.33
N VAL B 216 17.90 -21.03 -18.63
CA VAL B 216 17.38 -21.94 -17.63
C VAL B 216 18.07 -23.30 -17.68
N GLN B 217 18.32 -23.87 -16.50
CA GLN B 217 18.85 -25.22 -16.36
C GLN B 217 17.99 -25.97 -15.34
N ILE B 218 17.60 -27.20 -15.67
CA ILE B 218 16.77 -28.01 -14.77
C ILE B 218 17.47 -29.36 -14.55
N GLY B 219 17.52 -29.79 -13.30
CA GLY B 219 18.01 -31.12 -12.95
C GLY B 219 16.92 -31.89 -12.24
N SER B 220 17.26 -33.04 -11.70
CA SER B 220 16.27 -33.90 -11.04
C SER B 220 15.66 -33.23 -9.79
N ASN B 221 16.46 -32.40 -9.12
CA ASN B 221 16.13 -31.86 -7.80
C ASN B 221 16.27 -30.33 -7.67
N ASN B 222 16.62 -29.64 -8.77
CA ASN B 222 16.96 -28.22 -8.74
C ASN B 222 16.58 -27.55 -10.04
N ILE B 223 16.38 -26.24 -9.95
CA ILE B 223 16.19 -25.41 -11.11
C ILE B 223 17.07 -24.16 -10.98
N ARG B 224 17.57 -23.65 -12.11
CA ARG B 224 18.43 -22.46 -12.08
C ARG B 224 18.10 -21.53 -13.22
N ALA B 225 18.08 -20.23 -12.95
CA ALA B 225 17.82 -19.22 -13.99
C ALA B 225 18.87 -18.14 -13.92
N HIS B 226 19.50 -17.85 -15.06
CA HIS B 226 20.48 -16.78 -15.19
C HIS B 226 19.92 -15.62 -16.00
N VAL B 227 19.96 -14.41 -15.47
CA VAL B 227 19.64 -13.18 -16.22
C VAL B 227 20.67 -12.11 -15.90
N GLY B 228 21.25 -11.47 -16.92
CA GLY B 228 22.28 -10.47 -16.67
C GLY B 228 23.33 -11.00 -15.70
N ASP B 229 23.52 -10.29 -14.60
CA ASP B 229 24.52 -10.67 -13.59
C ASP B 229 23.90 -11.28 -12.33
N PHE B 230 22.75 -11.94 -12.51
CA PHE B 230 22.04 -12.58 -11.41
C PHE B 230 21.84 -14.05 -11.71
N ILE B 231 22.08 -14.91 -10.73
CA ILE B 231 21.81 -16.35 -10.82
C ILE B 231 20.90 -16.75 -9.69
N PHE B 232 19.72 -17.26 -10.04
CA PHE B 232 18.77 -17.78 -9.08
C PHE B 232 18.75 -19.31 -9.15
N THR B 233 18.78 -19.96 -7.99
CA THR B 233 18.72 -21.43 -7.92
C THR B 233 17.76 -21.87 -6.83
N SER B 234 16.85 -22.78 -7.15
CA SER B 234 15.93 -23.31 -6.13
C SER B 234 15.94 -24.84 -6.16
N LYS B 235 15.77 -25.44 -4.99
CA LYS B 235 15.40 -26.84 -4.92
C LYS B 235 13.95 -27.03 -5.42
N LEU B 236 13.63 -28.22 -5.93
CA LEU B 236 12.27 -28.49 -6.44
C LEU B 236 11.43 -29.14 -5.36
N VAL B 237 10.11 -29.06 -5.50
CA VAL B 237 9.23 -29.70 -4.52
C VAL B 237 9.07 -31.17 -4.93
N ASP B 238 9.22 -32.07 -3.97
CA ASP B 238 9.39 -33.50 -4.26
C ASP B 238 8.06 -34.26 -4.19
N GLY B 239 7.12 -33.86 -5.04
CA GLY B 239 5.80 -34.48 -5.07
C GLY B 239 5.39 -34.87 -6.47
N ARG B 240 4.21 -35.46 -6.61
CA ARG B 240 3.69 -35.75 -7.94
C ARG B 240 2.49 -34.87 -8.23
N PHE B 241 2.65 -33.97 -9.21
CA PHE B 241 1.64 -32.97 -9.50
C PHE B 241 0.50 -33.58 -10.31
N PRO B 242 -0.74 -33.14 -10.06
CA PRO B 242 -1.83 -33.63 -10.91
C PRO B 242 -1.62 -33.34 -12.39
N ASP B 243 -2.28 -34.12 -13.24
CA ASP B 243 -2.07 -34.04 -14.69
C ASP B 243 -3.16 -33.18 -15.33
N TYR B 244 -2.79 -31.97 -15.76
CA TYR B 244 -3.78 -31.01 -16.28
C TYR B 244 -4.64 -31.61 -17.39
N ARG B 245 -4.03 -32.49 -18.19
CA ARG B 245 -4.71 -33.15 -19.29
C ARG B 245 -5.98 -33.88 -18.82
N ARG B 246 -5.89 -34.54 -17.67
CA ARG B 246 -7.02 -35.30 -17.12
C ARG B 246 -8.03 -34.47 -16.34
N VAL B 247 -7.70 -33.19 -16.09
CA VAL B 247 -8.64 -32.26 -15.44
C VAL B 247 -9.43 -31.45 -16.48
N LEU B 248 -8.86 -31.21 -17.66
CA LEU B 248 -9.59 -30.50 -18.71
C LEU B 248 -10.91 -31.24 -19.05
N PRO B 249 -12.04 -30.52 -19.13
CA PRO B 249 -13.34 -31.14 -19.47
C PRO B 249 -13.28 -32.02 -20.72
N LYS B 250 -13.85 -33.22 -20.62
CA LYS B 250 -13.83 -34.22 -21.71
C LYS B 250 -14.26 -33.64 -23.05
N ASN B 251 -15.53 -33.27 -23.16
CA ASN B 251 -16.01 -32.53 -24.32
C ASN B 251 -16.99 -31.43 -23.94
N PRO B 252 -16.47 -30.20 -23.77
CA PRO B 252 -17.30 -29.06 -23.40
C PRO B 252 -17.86 -28.34 -24.64
N LYS B 254 -20.72 -26.98 -25.30
CA LYS B 254 -21.35 -25.69 -25.55
C LYS B 254 -20.34 -24.56 -25.36
N HIS B 255 -20.27 -23.67 -26.36
CA HIS B 255 -19.24 -22.64 -26.47
C HIS B 255 -19.87 -21.24 -26.33
N LEU B 256 -19.41 -20.45 -25.36
CA LEU B 256 -19.84 -19.06 -25.22
C LEU B 256 -18.66 -18.12 -25.41
N GLU B 257 -18.87 -17.06 -26.18
CA GLU B 257 -17.84 -16.07 -26.42
C GLU B 257 -18.32 -14.66 -26.05
N ALA B 258 -17.47 -13.89 -25.39
CA ALA B 258 -17.86 -12.56 -24.92
C ALA B 258 -16.65 -11.66 -24.73
N GLY B 259 -16.90 -10.35 -24.80
CA GLY B 259 -15.86 -9.35 -24.52
C GLY B 259 -15.37 -9.49 -23.08
N CYS B 260 -14.05 -9.51 -22.91
CA CYS B 260 -13.47 -9.79 -21.58
C CYS B 260 -13.83 -8.74 -20.55
N ASP B 261 -13.74 -7.47 -20.95
CA ASP B 261 -13.95 -6.35 -20.02
C ASP B 261 -15.43 -6.16 -19.69
N LEU B 262 -16.31 -6.31 -20.68
CA LEU B 262 -17.74 -6.32 -20.39
C LEU B 262 -18.07 -7.45 -19.42
N LEU B 263 -17.51 -8.63 -19.64
CA LEU B 263 -17.74 -9.75 -18.71
C LEU B 263 -17.18 -9.45 -17.32
N LYS B 264 -15.95 -8.99 -17.29
CA LYS B 264 -15.27 -8.67 -16.03
C LYS B 264 -16.11 -7.73 -15.18
N GLN B 265 -16.53 -6.61 -15.76
CA GLN B 265 -17.27 -5.60 -14.99
C GLN B 265 -18.66 -6.03 -14.54
N ALA B 266 -19.32 -6.89 -15.31
CA ALA B 266 -20.63 -7.39 -14.94
C ALA B 266 -20.50 -8.35 -13.78
N PHE B 267 -19.52 -9.24 -13.85
CA PHE B 267 -19.21 -10.11 -12.72
C PHE B 267 -18.79 -9.31 -11.52
N ALA B 268 -18.03 -8.23 -11.76
CA ALA B 268 -17.52 -7.37 -10.67
C ALA B 268 -18.69 -6.70 -9.95
N ARG B 269 -19.64 -6.18 -10.72
CA ARG B 269 -20.82 -5.56 -10.12
C ARG B 269 -21.77 -6.55 -9.42
N ALA B 270 -22.04 -7.70 -10.07
CA ALA B 270 -22.88 -8.71 -9.46
C ALA B 270 -22.26 -9.20 -8.16
N ALA B 271 -20.93 -9.30 -8.13
CA ALA B 271 -20.24 -9.83 -6.95
C ALA B 271 -20.52 -8.99 -5.70
N ILE B 272 -20.72 -7.69 -5.89
CA ILE B 272 -21.11 -6.81 -4.77
C ILE B 272 -22.28 -7.36 -3.93
N LEU B 273 -23.28 -7.96 -4.57
CA LEU B 273 -24.42 -8.52 -3.87
C LEU B 273 -24.42 -10.06 -3.79
N SER B 274 -23.24 -10.67 -3.96
CA SER B 274 -23.06 -12.10 -3.73
C SER B 274 -22.77 -12.35 -2.25
N ASN B 275 -23.16 -13.53 -1.77
CA ASN B 275 -22.86 -13.98 -0.41
C ASN B 275 -21.43 -13.62 -0.02
N GLU B 276 -21.27 -13.08 1.19
CA GLU B 276 -19.99 -12.53 1.65
C GLU B 276 -18.88 -13.57 1.70
N LYS B 277 -19.21 -14.78 2.14
CA LYS B 277 -18.25 -15.87 2.23
C LYS B 277 -18.15 -16.67 0.93
N PHE B 278 -19.29 -17.17 0.46
CA PHE B 278 -19.30 -18.14 -0.66
C PHE B 278 -19.17 -17.52 -2.06
N ARG B 279 -19.38 -16.22 -2.17
CA ARG B 279 -19.13 -15.48 -3.42
C ARG B 279 -19.80 -16.09 -4.65
N GLY B 280 -20.97 -16.69 -4.44
CA GLY B 280 -21.66 -17.40 -5.49
C GLY B 280 -22.42 -16.45 -6.38
N VAL B 281 -22.22 -16.62 -7.68
CA VAL B 281 -23.08 -16.03 -8.69
C VAL B 281 -23.70 -17.16 -9.48
N ARG B 282 -24.87 -16.89 -10.05
CA ARG B 282 -25.55 -17.83 -10.91
C ARG B 282 -25.44 -17.31 -12.33
N LEU B 283 -25.06 -18.19 -13.26
CA LEU B 283 -25.04 -17.89 -14.69
C LEU B 283 -26.22 -18.60 -15.36
N TYR B 284 -26.96 -17.86 -16.18
CA TYR B 284 -28.04 -18.39 -17.01
C TYR B 284 -27.64 -18.13 -18.44
N VAL B 285 -27.33 -19.17 -19.20
CA VAL B 285 -26.94 -18.97 -20.58
C VAL B 285 -28.13 -19.34 -21.49
N SER B 286 -28.29 -18.55 -22.54
CA SER B 286 -29.44 -18.65 -23.44
C SER B 286 -29.00 -18.06 -24.77
N GLU B 287 -29.89 -18.10 -25.75
CA GLU B 287 -29.50 -17.79 -27.12
C GLU B 287 -28.85 -16.41 -27.16
N ASN B 288 -27.54 -16.42 -27.42
CA ASN B 288 -26.75 -15.20 -27.55
C ASN B 288 -26.85 -14.24 -26.38
N GLN B 289 -27.13 -14.76 -25.19
CA GLN B 289 -27.22 -13.91 -24.00
CA GLN B 289 -27.27 -13.93 -23.99
C GLN B 289 -26.68 -14.61 -22.77
N LEU B 290 -26.02 -13.84 -21.91
CA LEU B 290 -25.60 -14.33 -20.62
C LEU B 290 -26.33 -13.49 -19.58
N LYS B 291 -26.91 -14.15 -18.58
CA LYS B 291 -27.51 -13.45 -17.45
C LYS B 291 -26.80 -13.86 -16.15
N ILE B 292 -26.25 -12.86 -15.46
CA ILE B 292 -25.54 -13.07 -14.21
C ILE B 292 -26.37 -12.52 -13.07
N THR B 293 -26.64 -13.36 -12.09
CA THR B 293 -27.35 -12.95 -10.90
C THR B 293 -26.55 -13.34 -9.67
N ALA B 294 -26.70 -12.52 -8.65
CA ALA B 294 -26.10 -12.76 -7.37
C ALA B 294 -27.16 -12.39 -6.37
N ASN B 295 -27.24 -13.15 -5.30
CA ASN B 295 -27.98 -12.67 -4.15
C ASN B 295 -27.37 -13.20 -2.89
N ASN B 296 -27.65 -12.50 -1.80
CA ASN B 296 -27.12 -12.83 -0.50
C ASN B 296 -28.31 -13.16 0.42
N PRO B 297 -28.04 -13.65 1.64
CA PRO B 297 -29.17 -13.98 2.53
C PRO B 297 -30.11 -12.80 2.85
N GLU B 298 -29.61 -11.57 2.77
CA GLU B 298 -30.44 -10.35 2.90
C GLU B 298 -31.44 -10.17 1.76
N GLN B 299 -31.32 -11.03 0.73
CA GLN B 299 -32.22 -11.07 -0.41
C GLN B 299 -32.12 -9.81 -1.28
N GLU B 300 -30.94 -9.19 -1.23
CA GLU B 300 -30.57 -8.19 -2.20
C GLU B 300 -30.15 -8.97 -3.42
N GLU B 301 -30.42 -8.41 -4.59
CA GLU B 301 -30.24 -9.12 -5.84
C GLU B 301 -29.55 -8.22 -6.83
N ALA B 302 -28.68 -8.83 -7.62
CA ALA B 302 -28.03 -8.17 -8.72
C ALA B 302 -28.36 -8.95 -9.99
N GLU B 303 -28.53 -8.25 -11.09
CA GLU B 303 -28.76 -8.90 -12.37
C GLU B 303 -28.03 -8.12 -13.43
N GLU B 304 -27.20 -8.81 -14.20
CA GLU B 304 -26.49 -8.22 -15.31
C GLU B 304 -26.85 -9.03 -16.56
N ILE B 305 -27.22 -8.34 -17.64
CA ILE B 305 -27.50 -9.04 -18.89
C ILE B 305 -26.51 -8.53 -19.90
N LEU B 306 -25.92 -9.48 -20.62
CA LEU B 306 -24.91 -9.20 -21.62
C LEU B 306 -25.24 -9.92 -22.91
N ASP B 307 -24.95 -9.26 -24.03
CA ASP B 307 -25.00 -9.87 -25.34
C ASP B 307 -23.72 -10.69 -25.51
N VAL B 308 -23.89 -11.96 -25.84
CA VAL B 308 -22.76 -12.84 -26.10
C VAL B 308 -23.08 -13.68 -27.33
N THR B 309 -22.09 -14.45 -27.77
CA THR B 309 -22.30 -15.45 -28.81
C THR B 309 -22.51 -16.80 -28.13
N TYR B 310 -23.73 -17.30 -28.16
CA TYR B 310 -24.04 -18.64 -27.65
C TYR B 310 -25.18 -19.25 -28.45
N SER B 311 -25.03 -20.53 -28.81
CA SER B 311 -26.01 -21.30 -29.59
C SER B 311 -26.53 -22.57 -28.92
N GLY B 312 -25.92 -22.99 -27.82
CA GLY B 312 -26.28 -24.24 -27.16
C GLY B 312 -27.55 -24.24 -26.34
N ALA B 313 -27.84 -25.38 -25.72
CA ALA B 313 -28.97 -25.52 -24.81
C ALA B 313 -28.87 -24.55 -23.63
N GLU B 314 -30.00 -24.07 -23.17
CA GLU B 314 -30.04 -23.12 -22.08
C GLU B 314 -29.74 -23.91 -20.80
N MET B 315 -28.99 -23.27 -19.88
CA MET B 315 -28.61 -23.92 -18.64
C MET B 315 -28.25 -22.91 -17.55
N GLU B 316 -28.24 -23.39 -16.31
CA GLU B 316 -27.94 -22.59 -15.14
C GLU B 316 -26.75 -23.25 -14.45
N ILE B 317 -25.77 -22.44 -14.05
CA ILE B 317 -24.59 -22.96 -13.37
C ILE B 317 -24.00 -21.93 -12.39
N GLY B 318 -23.64 -22.39 -11.20
CA GLY B 318 -23.12 -21.51 -10.15
C GLY B 318 -21.60 -21.46 -10.18
N PHE B 319 -21.04 -20.30 -9.88
CA PHE B 319 -19.59 -20.17 -9.74
C PHE B 319 -19.21 -19.22 -8.62
N ASN B 320 -18.06 -19.52 -8.03
CA ASN B 320 -17.38 -18.60 -7.19
C ASN B 320 -16.93 -17.47 -8.12
N VAL B 321 -17.49 -16.28 -7.89
CA VAL B 321 -17.21 -15.17 -8.80
C VAL B 321 -15.74 -14.73 -8.69
N SER B 322 -15.13 -14.90 -7.53
CA SER B 322 -13.70 -14.60 -7.36
C SER B 322 -12.81 -15.43 -8.29
N TYR B 323 -13.11 -16.73 -8.40
CA TYR B 323 -12.39 -17.59 -9.31
C TYR B 323 -12.53 -17.11 -10.74
N VAL B 324 -13.74 -16.69 -11.13
CA VAL B 324 -13.98 -16.22 -12.49
C VAL B 324 -13.26 -14.90 -12.74
N LEU B 325 -13.39 -13.96 -11.80
CA LEU B 325 -12.67 -12.69 -11.87
C LEU B 325 -11.15 -12.85 -12.01
N ASP B 326 -10.56 -13.74 -11.23
CA ASP B 326 -9.11 -14.04 -11.33
C ASP B 326 -8.67 -14.43 -12.72
N VAL B 327 -9.48 -15.28 -13.36
CA VAL B 327 -9.18 -15.77 -14.70
C VAL B 327 -9.20 -14.59 -15.69
N LEU B 328 -10.25 -13.79 -15.64
CA LEU B 328 -10.41 -12.66 -16.58
C LEU B 328 -9.31 -11.60 -16.39
N ASN B 329 -8.88 -11.42 -15.16
CA ASN B 329 -7.80 -10.49 -14.87
C ASN B 329 -6.45 -11.02 -15.36
N ALA B 330 -6.28 -12.34 -15.38
CA ALA B 330 -5.03 -12.95 -15.86
C ALA B 330 -4.97 -13.00 -17.39
N LEU B 331 -6.14 -13.03 -18.03
CA LEU B 331 -6.21 -13.11 -19.50
C LEU B 331 -5.90 -11.79 -20.18
N LYS B 332 -6.37 -10.69 -19.62
CA LYS B 332 -6.11 -9.37 -20.20
C LYS B 332 -6.18 -9.42 -21.74
N CYS B 333 -7.29 -9.93 -22.27
CA CYS B 333 -7.50 -9.97 -23.72
C CYS B 333 -8.85 -9.36 -24.08
N GLU B 334 -9.13 -9.27 -25.38
CA GLU B 334 -10.36 -8.64 -25.85
C GLU B 334 -11.59 -9.51 -25.66
N ASN B 335 -11.49 -10.77 -26.07
CA ASN B 335 -12.59 -11.72 -25.98
C ASN B 335 -12.17 -13.02 -25.35
N VAL B 336 -13.12 -13.64 -24.67
CA VAL B 336 -12.89 -14.88 -23.95
C VAL B 336 -13.91 -15.93 -24.43
N ARG B 337 -13.48 -17.20 -24.42
CA ARG B 337 -14.35 -18.34 -24.65
C ARG B 337 -14.57 -19.10 -23.34
N MET B 338 -15.82 -19.33 -22.99
CA MET B 338 -16.18 -20.23 -21.90
C MET B 338 -16.81 -21.50 -22.47
N MET B 339 -16.29 -22.65 -22.05
CA MET B 339 -16.66 -23.94 -22.63
C MET B 339 -17.38 -24.78 -21.56
N LEU B 340 -18.68 -24.97 -21.76
CA LEU B 340 -19.56 -25.55 -20.73
C LEU B 340 -20.05 -26.95 -21.11
N THR B 341 -20.48 -27.68 -20.09
CA THR B 341 -20.99 -29.05 -20.25
C THR B 341 -22.39 -29.18 -19.62
N ASP B 342 -22.46 -29.04 -18.31
CA ASP B 342 -23.71 -29.09 -17.59
C ASP B 342 -23.50 -28.45 -16.22
N SER B 343 -24.56 -28.40 -15.41
CA SER B 343 -24.55 -27.60 -14.19
C SER B 343 -23.72 -28.18 -13.05
N VAL B 344 -23.27 -29.42 -13.21
CA VAL B 344 -22.48 -30.07 -12.15
C VAL B 344 -21.09 -30.39 -12.64
N SER B 345 -20.66 -29.73 -13.72
CA SER B 345 -19.36 -29.99 -14.30
C SER B 345 -18.56 -28.69 -14.46
N SER B 346 -17.23 -28.82 -14.46
CA SER B 346 -16.33 -27.67 -14.60
C SER B 346 -16.53 -26.95 -15.92
N VAL B 347 -16.16 -25.66 -15.93
CA VAL B 347 -16.07 -24.86 -17.16
C VAL B 347 -14.60 -24.64 -17.52
N GLN B 348 -14.31 -24.68 -18.82
CA GLN B 348 -12.98 -24.35 -19.31
C GLN B 348 -13.07 -22.96 -19.90
N ILE B 349 -12.11 -22.10 -19.55
CA ILE B 349 -12.11 -20.74 -20.07
C ILE B 349 -10.78 -20.41 -20.73
N GLU B 350 -10.84 -19.70 -21.86
CA GLU B 350 -9.67 -19.39 -22.67
C GLU B 350 -9.78 -18.03 -23.35
N ASP B 351 -8.63 -17.47 -23.71
CA ASP B 351 -8.67 -16.31 -24.60
C ASP B 351 -9.31 -16.83 -25.86
N ALA B 352 -10.31 -16.11 -26.36
CA ALA B 352 -10.98 -16.49 -27.59
C ALA B 352 -9.99 -16.59 -28.74
N ALA B 353 -8.96 -15.74 -28.72
CA ALA B 353 -7.97 -15.67 -29.80
C ALA B 353 -6.74 -16.58 -29.63
N SER B 354 -6.62 -17.31 -28.52
CA SER B 354 -5.46 -18.18 -28.34
C SER B 354 -5.71 -19.34 -27.38
N GLN B 355 -5.20 -20.52 -27.74
CA GLN B 355 -5.29 -21.70 -26.89
C GLN B 355 -4.05 -21.89 -26.01
N SER B 356 -3.18 -20.86 -25.93
CA SER B 356 -1.93 -20.98 -25.17
C SER B 356 -2.22 -21.09 -23.67
N ALA B 357 -3.28 -20.44 -23.20
CA ALA B 357 -3.67 -20.53 -21.79
C ALA B 357 -5.09 -21.07 -21.66
N ALA B 358 -5.27 -21.98 -20.70
CA ALA B 358 -6.58 -22.55 -20.44
C ALA B 358 -6.84 -22.60 -18.94
N TYR B 359 -8.11 -22.40 -18.52
CA TYR B 359 -8.47 -22.30 -17.12
C TYR B 359 -9.63 -23.22 -16.79
N VAL B 360 -9.59 -23.89 -15.65
CA VAL B 360 -10.69 -24.83 -15.33
C VAL B 360 -11.22 -24.44 -13.97
N VAL B 361 -12.50 -24.09 -13.92
CA VAL B 361 -13.14 -23.76 -12.65
C VAL B 361 -14.30 -24.71 -12.38
N MET B 362 -14.32 -25.30 -11.20
CA MET B 362 -15.42 -26.18 -10.79
C MET B 362 -16.64 -25.35 -10.45
N PRO B 363 -17.85 -25.87 -10.74
CA PRO B 363 -19.12 -25.22 -10.38
C PRO B 363 -19.35 -25.29 -8.87
N MET B 364 -20.23 -24.44 -8.35
CA MET B 364 -20.60 -24.55 -6.93
C MET B 364 -22.09 -24.86 -6.79
N ARG B 365 -22.42 -25.62 -5.74
CA ARG B 365 -23.76 -26.14 -5.54
C ARG B 365 -24.76 -25.05 -5.15
#